data_4JYZ
#
_entry.id   4JYZ
#
_cell.length_a   93.400
_cell.length_b   234.620
_cell.length_c   113.700
_cell.angle_alpha   90.00
_cell.angle_beta   90.00
_cell.angle_gamma   90.00
#
_symmetry.space_group_name_H-M   'C 2 2 21'
#
loop_
_entity.id
_entity.type
_entity.pdbx_description
1 polymer 'Glutamine--tRNA ligase'
2 polymer 'RNA (72-MER)'
3 non-polymer "ADENOSINE-5'-TRIPHOSPHATE"
4 non-polymer 'SULFATE ION'
5 water water
#
loop_
_entity_poly.entity_id
_entity_poly.type
_entity_poly.pdbx_seq_one_letter_code
_entity_poly.pdbx_strand_id
1 'polypeptide(L)'
;SEAEARPTNFIRQIIDEDLASGKHTTVHTRFPPEPNGYLHIGHAKSICLNFGIAQDYKGQCNLRFDDTNPVKEDIEYVES
IKNDVEWLGFHWSGNVRYSSDYFDQLHAYAIELINKGLAYVDELTPEQIREYRGTLTQPGKNSPYRDRSVEENLALFEKM
RAGGFEEGKACLRAKIDMASPFIVMRDPVLYRIKFAEHHQTGNKWCIYPMYDFTHCISDALEGITHSLCTLEFQDNRRLY
DWVLDNITIPVHPRQYEFSRLNLEYTVMSKRKLNLLVTDKHVEGWDDPRMPTISGLRRRGYTAASIREFCKRIGVTKQDN
TIEMASLESCIREDLNENAPRAMAVIDPVKLVIENYQGEGEMVTMPNHPNKPEMGSRQVPFSGEIWIDRADFREEANKQY
KRLVLGKEVRLRNAYVIKAERVEKDAEGNITTIFCTYDADTLSKDPADGRKVKGVIHWVSAAHALPVEIRLYDRLFSVPN
PGAADDFLSVINPESLVIKQGFAEPSLKDAVAGKAFQFEREGYFCLDSRHSTAEKPVFNRTVGLRDTWAKVGE
;
A
2 'polyribonucleotide'
;UGGGGUA(4SU)CGCCAAGC(OMG)G(H2U)AAGGCACCGGU(OMU)U(1RN)UG(2MA)(PSU)ACCGGCAUUCGCAGG
(5MU)(PSU)CGAAUCCUGCUACCCCAGCCA
;
B
#
loop_
_chem_comp.id
_chem_comp.type
_chem_comp.name
_chem_comp.formula
1RN RNA linking (E)-N-{[4-oxo-1-(5-O-phosphono-beta-D-arabinofuranosyl)-2-thioxo-1,2,3,4-tetrahydropyrimidin-5-yl]methylidene}glycine 'C12 H16 N3 O10 P S'
2MA RNA linking 2-METHYLADENOSINE-5'-MONOPHOSPHATE 'C11 H16 N5 O7 P'
4SU RNA linking 4-THIOURIDINE-5'-MONOPHOSPHATE 'C9 H13 N2 O8 P S'
5MU RNA linking '5-METHYLURIDINE 5'-MONOPHOSPHATE' 'C10 H15 N2 O9 P'
A RNA linking ADENOSINE-5'-MONOPHOSPHATE 'C10 H14 N5 O7 P'
ATP non-polymer ADENOSINE-5'-TRIPHOSPHATE 'C10 H16 N5 O13 P3'
C RNA linking CYTIDINE-5'-MONOPHOSPHATE 'C9 H14 N3 O8 P'
G RNA linking GUANOSINE-5'-MONOPHOSPHATE 'C10 H14 N5 O8 P'
H2U RNA linking 5,6-DIHYDROURIDINE-5'-MONOPHOSPHATE 'C9 H15 N2 O9 P'
OMG RNA linking O2'-METHYLGUANOSINE-5'-MONOPHOSPHATE 'C11 H16 N5 O8 P'
OMU RNA linking 'O2'-METHYLURIDINE 5'-MONOPHOSPHATE' 'C10 H15 N2 O9 P'
PSU RNA linking PSEUDOURIDINE-5'-MONOPHOSPHATE 'C9 H13 N2 O9 P'
SO4 non-polymer 'SULFATE ION' 'O4 S -2'
U RNA linking URIDINE-5'-MONOPHOSPHATE 'C9 H13 N2 O9 P'
#
# COMPACT_ATOMS: atom_id res chain seq x y z
N PRO A 7 -18.17 6.20 10.93
CA PRO A 7 -17.86 6.61 9.54
C PRO A 7 -18.83 5.89 8.60
N THR A 8 -19.93 6.57 8.26
CA THR A 8 -20.97 6.00 7.40
C THR A 8 -20.66 6.22 5.91
N ASN A 9 -21.41 5.54 5.04
CA ASN A 9 -21.24 5.65 3.59
C ASN A 9 -22.49 5.11 2.89
N PHE A 10 -22.68 5.42 1.61
CA PHE A 10 -23.88 4.94 0.94
C PHE A 10 -24.05 3.44 1.00
N ILE A 11 -22.95 2.70 1.14
CA ILE A 11 -23.07 1.26 1.18
C ILE A 11 -23.62 0.79 2.52
N ARG A 12 -23.08 1.28 3.63
CA ARG A 12 -23.59 0.89 4.94
C ARG A 12 -25.06 1.22 5.10
N GLN A 13 -25.50 2.32 4.50
CA GLN A 13 -26.90 2.72 4.58
C GLN A 13 -27.78 1.71 3.87
N ILE A 14 -27.28 1.18 2.76
CA ILE A 14 -27.99 0.18 1.99
C ILE A 14 -28.12 -1.07 2.82
N ILE A 15 -27.04 -1.43 3.50
CA ILE A 15 -27.05 -2.62 4.32
C ILE A 15 -28.06 -2.43 5.44
N ASP A 16 -27.98 -1.31 6.16
CA ASP A 16 -28.93 -1.06 7.24
C ASP A 16 -30.36 -1.25 6.74
N GLU A 17 -30.65 -0.66 5.58
CA GLU A 17 -31.96 -0.77 4.96
C GLU A 17 -32.36 -2.22 4.71
N ASP A 18 -31.41 -3.05 4.30
CA ASP A 18 -31.72 -4.44 4.05
C ASP A 18 -31.96 -5.17 5.35
N LEU A 19 -31.13 -4.88 6.36
CA LEU A 19 -31.30 -5.52 7.66
C LEU A 19 -32.66 -5.15 8.22
N ALA A 20 -33.02 -3.87 8.07
CA ALA A 20 -34.31 -3.38 8.55
C ALA A 20 -35.47 -4.08 7.85
N SER A 21 -35.60 -3.86 6.53
CA SER A 21 -36.67 -4.45 5.72
C SER A 21 -36.79 -5.96 5.89
N GLY A 22 -35.74 -6.60 6.37
CA GLY A 22 -35.79 -8.04 6.55
C GLY A 22 -35.28 -8.80 5.34
N LYS A 23 -34.78 -8.08 4.34
CA LYS A 23 -34.24 -8.71 3.14
C LYS A 23 -33.12 -9.67 3.53
N HIS A 24 -32.28 -9.24 4.46
CA HIS A 24 -31.18 -10.04 4.95
C HIS A 24 -31.26 -10.02 6.46
N THR A 25 -30.72 -11.04 7.09
CA THR A 25 -30.70 -11.12 8.53
C THR A 25 -29.26 -11.23 8.98
N THR A 26 -28.34 -11.07 8.04
CA THR A 26 -26.92 -11.14 8.31
C THR A 26 -26.18 -10.63 7.08
N VAL A 27 -25.02 -10.02 7.27
CA VAL A 27 -24.26 -9.52 6.14
C VAL A 27 -23.06 -10.39 5.87
N HIS A 28 -22.78 -10.62 4.59
CA HIS A 28 -21.65 -11.44 4.22
C HIS A 28 -20.99 -10.85 2.99
N THR A 29 -19.77 -10.37 3.17
CA THR A 29 -18.99 -9.76 2.11
C THR A 29 -17.74 -10.58 1.79
N ARG A 30 -16.97 -10.10 0.82
CA ARG A 30 -15.72 -10.75 0.47
C ARG A 30 -14.71 -9.82 -0.19
N PHE A 31 -13.44 -10.16 -0.02
CA PHE A 31 -12.36 -9.42 -0.67
C PHE A 31 -11.87 -10.42 -1.72
N PRO A 32 -12.01 -10.10 -3.02
CA PRO A 32 -11.58 -11.02 -4.07
C PRO A 32 -10.42 -10.56 -4.95
N PRO A 33 -9.18 -10.61 -4.43
CA PRO A 33 -8.00 -10.19 -5.20
C PRO A 33 -7.49 -11.24 -6.18
N GLU A 34 -7.18 -10.84 -7.42
CA GLU A 34 -6.61 -11.81 -8.36
C GLU A 34 -5.14 -11.95 -7.99
N PRO A 35 -4.65 -13.18 -7.84
CA PRO A 35 -3.22 -13.34 -7.47
C PRO A 35 -2.30 -13.11 -8.67
N ASN A 36 -2.13 -11.84 -9.04
CA ASN A 36 -1.29 -11.48 -10.18
C ASN A 36 -0.36 -10.32 -9.85
N GLY A 37 -0.07 -10.14 -8.57
CA GLY A 37 0.81 -9.08 -8.12
C GLY A 37 0.51 -8.80 -6.66
N TYR A 38 1.29 -7.94 -6.00
CA TYR A 38 1.02 -7.63 -4.58
C TYR A 38 -0.08 -6.59 -4.38
N LEU A 39 -0.58 -6.56 -3.14
CA LEU A 39 -1.64 -5.65 -2.75
C LEU A 39 -1.10 -4.26 -2.52
N HIS A 40 -1.86 -3.25 -2.91
CA HIS A 40 -1.47 -1.87 -2.68
C HIS A 40 -2.48 -1.12 -1.80
N ILE A 41 -2.13 0.10 -1.44
CA ILE A 41 -2.97 0.94 -0.60
C ILE A 41 -4.40 0.98 -1.14
N GLY A 42 -4.56 0.82 -2.44
CA GLY A 42 -5.88 0.82 -3.05
C GLY A 42 -6.68 -0.38 -2.54
N HIS A 43 -6.05 -1.56 -2.58
CA HIS A 43 -6.69 -2.77 -2.10
C HIS A 43 -7.06 -2.58 -0.64
N ALA A 44 -6.16 -2.00 0.14
CA ALA A 44 -6.42 -1.78 1.56
C ALA A 44 -7.78 -1.08 1.74
N LYS A 45 -8.11 -0.15 0.85
CA LYS A 45 -9.37 0.54 0.96
C LYS A 45 -10.50 -0.46 0.82
N SER A 46 -10.34 -1.39 -0.11
CA SER A 46 -11.35 -2.40 -0.37
C SER A 46 -11.41 -3.42 0.77
N ILE A 47 -10.27 -3.66 1.41
CA ILE A 47 -10.17 -4.60 2.51
C ILE A 47 -10.86 -4.03 3.73
N CYS A 48 -10.55 -2.77 4.05
CA CYS A 48 -11.17 -2.11 5.18
C CYS A 48 -12.68 -2.05 5.00
N LEU A 49 -13.11 -1.64 3.81
CA LEU A 49 -14.53 -1.54 3.49
C LEU A 49 -15.27 -2.88 3.64
N ASN A 50 -14.66 -3.96 3.15
CA ASN A 50 -15.28 -5.28 3.21
C ASN A 50 -15.18 -6.00 4.53
N PHE A 51 -13.98 -6.05 5.10
CA PHE A 51 -13.78 -6.72 6.37
C PHE A 51 -14.37 -5.83 7.48
N GLY A 52 -14.26 -4.53 7.31
CA GLY A 52 -14.77 -3.59 8.29
C GLY A 52 -16.28 -3.73 8.42
N ILE A 53 -16.98 -3.73 7.30
CA ILE A 53 -18.43 -3.88 7.33
C ILE A 53 -18.82 -5.20 8.04
N ALA A 54 -18.11 -6.28 7.71
CA ALA A 54 -18.41 -7.56 8.32
C ALA A 54 -18.32 -7.43 9.83
N GLN A 55 -17.15 -7.04 10.33
CA GLN A 55 -16.96 -6.89 11.77
C GLN A 55 -18.04 -6.02 12.39
N ASP A 56 -18.21 -4.82 11.84
CA ASP A 56 -19.20 -3.90 12.37
C ASP A 56 -20.62 -4.45 12.43
N TYR A 57 -20.94 -5.44 11.60
CA TYR A 57 -22.30 -6.00 11.63
C TYR A 57 -22.31 -7.45 12.12
N LYS A 58 -21.25 -7.85 12.82
CA LYS A 58 -21.15 -9.21 13.33
C LYS A 58 -21.44 -10.23 12.23
N GLY A 59 -20.96 -9.94 11.02
CA GLY A 59 -21.16 -10.83 9.89
C GLY A 59 -19.87 -11.56 9.50
N GLN A 60 -19.78 -11.97 8.24
CA GLN A 60 -18.61 -12.70 7.77
C GLN A 60 -18.06 -12.11 6.48
N CYS A 61 -16.74 -12.14 6.34
CA CYS A 61 -16.09 -11.64 5.13
C CYS A 61 -15.13 -12.70 4.61
N ASN A 62 -15.30 -13.09 3.36
CA ASN A 62 -14.45 -14.11 2.78
C ASN A 62 -13.28 -13.52 2.03
N LEU A 63 -12.21 -14.30 1.94
CA LEU A 63 -11.01 -13.94 1.21
C LEU A 63 -11.08 -14.94 0.08
N ARG A 64 -11.28 -14.44 -1.13
CA ARG A 64 -11.39 -15.32 -2.29
C ARG A 64 -10.44 -14.87 -3.37
N PHE A 65 -9.61 -15.79 -3.83
CA PHE A 65 -8.69 -15.47 -4.89
C PHE A 65 -9.49 -15.69 -6.16
N ASP A 66 -9.60 -14.64 -6.96
CA ASP A 66 -10.32 -14.73 -8.21
C ASP A 66 -9.27 -15.19 -9.22
N ASP A 67 -8.94 -16.47 -9.16
CA ASP A 67 -7.93 -17.08 -10.00
C ASP A 67 -8.46 -17.77 -11.25
N THR A 68 -9.11 -16.99 -12.13
CA THR A 68 -9.71 -17.51 -13.36
C THR A 68 -8.82 -17.42 -14.60
N ASN A 69 -7.66 -16.80 -14.46
CA ASN A 69 -6.75 -16.62 -15.57
C ASN A 69 -5.36 -17.14 -15.16
N PRO A 70 -5.12 -18.44 -15.32
CA PRO A 70 -3.84 -19.04 -14.94
C PRO A 70 -2.60 -18.37 -15.53
N VAL A 71 -2.72 -17.86 -16.74
CA VAL A 71 -1.62 -17.22 -17.45
C VAL A 71 -0.98 -16.02 -16.75
N LYS A 72 -1.77 -15.25 -16.01
CA LYS A 72 -1.24 -14.06 -15.33
C LYS A 72 -1.02 -14.26 -13.83
N GLU A 73 -1.35 -15.43 -13.33
CA GLU A 73 -1.22 -15.70 -11.91
C GLU A 73 -0.05 -16.56 -11.46
N ASP A 74 0.40 -16.35 -10.23
CA ASP A 74 1.48 -17.13 -9.64
C ASP A 74 1.26 -17.26 -8.15
N ILE A 75 1.65 -18.41 -7.63
CA ILE A 75 1.52 -18.73 -6.20
C ILE A 75 2.20 -17.71 -5.30
N GLU A 76 3.26 -17.09 -5.79
CA GLU A 76 3.98 -16.09 -5.01
C GLU A 76 3.04 -15.03 -4.46
N TYR A 77 2.11 -14.60 -5.29
CA TYR A 77 1.15 -13.57 -4.90
C TYR A 77 0.11 -14.02 -3.90
N VAL A 78 -0.34 -15.26 -4.03
CA VAL A 78 -1.34 -15.80 -3.13
C VAL A 78 -0.80 -15.68 -1.72
N GLU A 79 0.43 -16.14 -1.55
CA GLU A 79 1.05 -16.10 -0.24
C GLU A 79 1.27 -14.67 0.28
N SER A 80 1.70 -13.76 -0.57
CA SER A 80 1.92 -12.40 -0.09
C SER A 80 0.62 -11.67 0.22
N ILE A 81 -0.43 -11.98 -0.53
CA ILE A 81 -1.72 -11.34 -0.30
C ILE A 81 -2.29 -11.76 1.06
N LYS A 82 -2.21 -13.06 1.36
CA LYS A 82 -2.68 -13.57 2.63
C LYS A 82 -1.92 -12.83 3.72
N ASN A 83 -0.60 -12.78 3.55
CA ASN A 83 0.24 -12.13 4.53
C ASN A 83 -0.17 -10.69 4.79
N ASP A 84 -0.33 -9.89 3.72
CA ASP A 84 -0.72 -8.49 3.90
C ASP A 84 -2.12 -8.27 4.48
N VAL A 85 -3.07 -9.15 4.16
CA VAL A 85 -4.41 -9.03 4.71
C VAL A 85 -4.32 -9.25 6.23
N GLU A 86 -3.57 -10.30 6.62
CA GLU A 86 -3.37 -10.61 8.04
C GLU A 86 -2.67 -9.42 8.70
N TRP A 87 -1.57 -8.97 8.10
CA TRP A 87 -0.84 -7.85 8.66
C TRP A 87 -1.70 -6.60 8.89
N LEU A 88 -2.71 -6.39 8.03
CA LEU A 88 -3.58 -5.22 8.18
C LEU A 88 -4.49 -5.38 9.37
N GLY A 89 -4.52 -6.58 9.92
CA GLY A 89 -5.35 -6.86 11.07
C GLY A 89 -6.70 -7.50 10.81
N PHE A 90 -6.91 -8.05 9.63
CA PHE A 90 -8.19 -8.66 9.35
C PHE A 90 -8.11 -10.17 9.24
N HIS A 91 -9.24 -10.82 9.48
CA HIS A 91 -9.32 -12.26 9.42
C HIS A 91 -10.51 -12.60 8.56
N TRP A 92 -10.35 -13.60 7.72
CA TRP A 92 -11.44 -13.99 6.86
C TRP A 92 -12.21 -15.15 7.45
N SER A 93 -13.48 -15.25 7.05
CA SER A 93 -14.35 -16.29 7.52
C SER A 93 -14.03 -17.63 6.86
N GLY A 94 -13.74 -18.63 7.69
CA GLY A 94 -13.47 -19.95 7.16
C GLY A 94 -12.15 -20.07 6.45
N ASN A 95 -12.09 -20.97 5.48
CA ASN A 95 -10.87 -21.17 4.72
C ASN A 95 -10.73 -20.14 3.63
N VAL A 96 -9.51 -19.99 3.17
CA VAL A 96 -9.23 -19.09 2.07
C VAL A 96 -10.01 -19.70 0.91
N ARG A 97 -10.69 -18.89 0.11
CA ARG A 97 -11.43 -19.46 -1.01
C ARG A 97 -10.69 -19.19 -2.30
N TYR A 98 -11.10 -19.91 -3.33
CA TYR A 98 -10.53 -19.76 -4.66
C TYR A 98 -11.63 -19.99 -5.68
N SER A 99 -11.80 -19.07 -6.61
CA SER A 99 -12.81 -19.21 -7.64
C SER A 99 -12.58 -20.53 -8.34
N SER A 100 -11.32 -20.98 -8.34
CA SER A 100 -10.96 -22.24 -8.95
C SER A 100 -11.59 -23.40 -8.17
N ASP A 101 -11.99 -23.14 -6.93
CA ASP A 101 -12.63 -24.18 -6.12
C ASP A 101 -13.97 -24.51 -6.75
N TYR A 102 -14.47 -23.61 -7.58
CA TYR A 102 -15.77 -23.79 -8.19
C TYR A 102 -15.72 -24.16 -9.67
N PHE A 103 -14.54 -24.47 -10.21
CA PHE A 103 -14.49 -24.80 -11.62
C PHE A 103 -15.49 -25.88 -12.02
N ASP A 104 -15.62 -26.93 -11.22
CA ASP A 104 -16.56 -27.98 -11.57
C ASP A 104 -17.96 -27.41 -11.57
N GLN A 105 -18.26 -26.58 -10.58
CA GLN A 105 -19.57 -25.97 -10.49
C GLN A 105 -19.85 -25.05 -11.68
N LEU A 106 -18.89 -24.18 -12.02
CA LEU A 106 -19.04 -23.27 -13.15
C LEU A 106 -19.35 -24.05 -14.42
N HIS A 107 -18.57 -25.10 -14.66
CA HIS A 107 -18.75 -25.93 -15.83
C HIS A 107 -20.19 -26.44 -15.86
N ALA A 108 -20.65 -26.96 -14.73
CA ALA A 108 -22.02 -27.46 -14.63
C ALA A 108 -23.01 -26.37 -14.97
N TYR A 109 -22.72 -25.14 -14.56
CA TYR A 109 -23.64 -24.05 -14.86
C TYR A 109 -23.58 -23.67 -16.33
N ALA A 110 -22.40 -23.78 -16.92
CA ALA A 110 -22.24 -23.50 -18.34
C ALA A 110 -23.15 -24.49 -19.10
N ILE A 111 -23.18 -25.72 -18.61
CA ILE A 111 -24.01 -26.71 -19.25
C ILE A 111 -25.49 -26.34 -19.11
N GLU A 112 -25.91 -25.86 -17.95
CA GLU A 112 -27.30 -25.46 -17.79
C GLU A 112 -27.64 -24.36 -18.79
N LEU A 113 -26.76 -23.39 -18.97
CA LEU A 113 -27.07 -22.33 -19.91
C LEU A 113 -27.21 -22.88 -21.34
N ILE A 114 -26.34 -23.81 -21.72
CA ILE A 114 -26.40 -24.39 -23.07
C ILE A 114 -27.74 -25.11 -23.29
N ASN A 115 -28.19 -25.87 -22.30
CA ASN A 115 -29.43 -26.60 -22.45
C ASN A 115 -30.63 -25.69 -22.56
N LYS A 116 -30.49 -24.45 -22.11
CA LYS A 116 -31.59 -23.50 -22.18
C LYS A 116 -31.44 -22.58 -23.39
N GLY A 117 -30.44 -22.87 -24.22
CA GLY A 117 -30.19 -22.06 -25.40
C GLY A 117 -29.64 -20.67 -25.10
N LEU A 118 -29.05 -20.50 -23.93
CA LEU A 118 -28.51 -19.20 -23.54
C LEU A 118 -26.99 -19.18 -23.68
N ALA A 119 -26.46 -20.25 -24.24
CA ALA A 119 -25.01 -20.33 -24.45
C ALA A 119 -24.75 -21.17 -25.69
N TYR A 120 -23.65 -20.85 -26.37
CA TYR A 120 -23.28 -21.57 -27.57
C TYR A 120 -21.77 -21.49 -27.78
N VAL A 121 -21.22 -22.38 -28.60
CA VAL A 121 -19.80 -22.38 -28.88
C VAL A 121 -19.58 -21.61 -30.18
N ASP A 122 -18.88 -20.50 -30.08
CA ASP A 122 -18.60 -19.64 -31.22
C ASP A 122 -17.26 -20.06 -31.78
N GLU A 123 -17.18 -20.21 -33.10
CA GLU A 123 -15.93 -20.60 -33.74
C GLU A 123 -15.27 -19.41 -34.44
N LEU A 124 -15.84 -18.23 -34.22
CA LEU A 124 -15.32 -16.98 -34.77
C LEU A 124 -13.95 -16.73 -34.14
N THR A 125 -12.96 -16.32 -34.93
CA THR A 125 -11.64 -16.06 -34.39
C THR A 125 -11.58 -14.85 -33.46
N PRO A 126 -10.55 -14.79 -32.61
CA PRO A 126 -10.38 -13.70 -31.65
C PRO A 126 -10.45 -12.34 -32.33
N GLU A 127 -10.09 -12.29 -33.60
CA GLU A 127 -10.14 -11.02 -34.29
C GLU A 127 -11.55 -10.80 -34.85
N GLN A 128 -12.18 -11.87 -35.31
CA GLN A 128 -13.51 -11.77 -35.88
C GLN A 128 -14.54 -11.39 -34.84
N ILE A 129 -14.34 -11.84 -33.60
CA ILE A 129 -15.30 -11.52 -32.56
C ILE A 129 -15.30 -10.01 -32.29
N ARG A 130 -14.14 -9.37 -32.43
CA ARG A 130 -14.05 -7.94 -32.22
C ARG A 130 -14.76 -7.21 -33.36
N GLU A 131 -14.59 -7.72 -34.58
CA GLU A 131 -15.22 -7.12 -35.75
C GLU A 131 -16.74 -7.28 -35.70
N TYR A 132 -17.22 -8.39 -35.15
CA TYR A 132 -18.66 -8.62 -35.06
C TYR A 132 -19.25 -7.94 -33.83
N ARG A 133 -18.40 -7.40 -32.96
CA ARG A 133 -18.91 -6.81 -31.74
C ARG A 133 -19.64 -5.47 -31.88
N GLY A 134 -19.31 -4.72 -32.93
CA GLY A 134 -19.93 -3.42 -33.11
C GLY A 134 -19.02 -2.40 -32.48
N THR A 135 -19.52 -1.20 -32.23
CA THR A 135 -18.70 -0.17 -31.61
C THR A 135 -19.50 0.50 -30.52
N LEU A 136 -18.98 1.59 -29.99
CA LEU A 136 -19.69 2.30 -28.94
C LEU A 136 -20.92 2.95 -29.53
N THR A 137 -20.88 3.21 -30.84
CA THR A 137 -22.02 3.85 -31.47
C THR A 137 -22.74 2.95 -32.48
N GLN A 138 -22.13 1.82 -32.82
CA GLN A 138 -22.75 0.88 -33.76
C GLN A 138 -22.99 -0.48 -33.12
N PRO A 139 -24.19 -1.02 -33.28
CA PRO A 139 -24.55 -2.33 -32.72
C PRO A 139 -23.76 -3.46 -33.37
N GLY A 140 -23.58 -4.54 -32.63
CA GLY A 140 -22.85 -5.68 -33.16
C GLY A 140 -23.79 -6.59 -33.94
N LYS A 141 -23.21 -7.59 -34.60
CA LYS A 141 -23.98 -8.53 -35.41
C LYS A 141 -23.85 -9.96 -34.89
N ASN A 142 -24.94 -10.70 -34.97
CA ASN A 142 -24.96 -12.08 -34.55
C ASN A 142 -23.93 -12.90 -35.31
N SER A 143 -23.34 -13.87 -34.63
CA SER A 143 -22.35 -14.76 -35.21
C SER A 143 -23.05 -15.80 -36.07
N PRO A 144 -22.36 -16.33 -37.10
CA PRO A 144 -22.96 -17.35 -37.97
C PRO A 144 -23.16 -18.68 -37.21
N TYR A 145 -22.48 -18.81 -36.06
CA TYR A 145 -22.60 -20.02 -35.26
C TYR A 145 -23.62 -19.88 -34.14
N ARG A 146 -24.06 -18.66 -33.89
CA ARG A 146 -25.01 -18.37 -32.80
C ARG A 146 -26.26 -19.24 -32.73
N ASP A 147 -26.58 -19.94 -33.81
CA ASP A 147 -27.79 -20.74 -33.82
C ASP A 147 -27.66 -22.25 -33.76
N ARG A 148 -26.48 -22.76 -33.40
CA ARG A 148 -26.30 -24.21 -33.29
C ARG A 148 -27.35 -24.79 -32.35
N SER A 149 -27.58 -26.09 -32.43
CA SER A 149 -28.57 -26.70 -31.57
C SER A 149 -27.92 -27.07 -30.24
N VAL A 150 -28.75 -27.32 -29.24
CA VAL A 150 -28.28 -27.70 -27.91
C VAL A 150 -27.28 -28.83 -28.00
N GLU A 151 -27.68 -29.91 -28.65
CA GLU A 151 -26.82 -31.09 -28.80
C GLU A 151 -25.47 -30.70 -29.37
N GLU A 152 -25.48 -29.93 -30.45
CA GLU A 152 -24.23 -29.52 -31.07
C GLU A 152 -23.36 -28.69 -30.13
N ASN A 153 -23.95 -27.74 -29.41
CA ASN A 153 -23.18 -26.92 -28.48
C ASN A 153 -22.67 -27.82 -27.37
N LEU A 154 -23.52 -28.72 -26.91
CA LEU A 154 -23.17 -29.65 -25.86
C LEU A 154 -21.92 -30.42 -26.29
N ALA A 155 -21.99 -31.06 -27.46
CA ALA A 155 -20.84 -31.82 -27.97
C ALA A 155 -19.61 -30.93 -28.11
N LEU A 156 -19.77 -29.77 -28.75
CA LEU A 156 -18.66 -28.87 -28.96
C LEU A 156 -17.98 -28.34 -27.68
N PHE A 157 -18.75 -28.09 -26.63
CA PHE A 157 -18.18 -27.59 -25.37
C PHE A 157 -17.36 -28.71 -24.75
N GLU A 158 -17.87 -29.94 -24.87
CA GLU A 158 -17.16 -31.09 -24.33
C GLU A 158 -15.81 -31.21 -25.05
N LYS A 159 -15.83 -30.94 -26.36
CA LYS A 159 -14.62 -31.00 -27.15
C LYS A 159 -13.65 -29.96 -26.61
N MET A 160 -14.16 -28.75 -26.38
CA MET A 160 -13.32 -27.69 -25.85
C MET A 160 -12.62 -28.21 -24.61
N ARG A 161 -13.43 -28.66 -23.66
CA ARG A 161 -12.90 -29.15 -22.40
C ARG A 161 -11.95 -30.32 -22.60
N ALA A 162 -12.30 -31.23 -23.51
CA ALA A 162 -11.46 -32.37 -23.77
C ALA A 162 -10.10 -31.96 -24.37
N GLY A 163 -10.00 -30.72 -24.83
CA GLY A 163 -8.75 -30.24 -25.42
C GLY A 163 -8.67 -30.45 -26.93
N GLY A 164 -9.83 -30.68 -27.56
CA GLY A 164 -9.86 -30.89 -28.99
C GLY A 164 -9.73 -29.65 -29.84
N PHE A 165 -9.73 -28.47 -29.22
CA PHE A 165 -9.61 -27.21 -29.95
C PHE A 165 -8.34 -26.48 -29.53
N GLU A 166 -7.66 -25.86 -30.48
CA GLU A 166 -6.45 -25.13 -30.14
C GLU A 166 -6.90 -23.81 -29.54
N GLU A 167 -6.07 -23.21 -28.69
CA GLU A 167 -6.42 -21.96 -28.07
C GLU A 167 -6.94 -20.99 -29.14
N GLY A 168 -8.04 -20.32 -28.83
CA GLY A 168 -8.60 -19.34 -29.75
C GLY A 168 -9.46 -19.92 -30.85
N LYS A 169 -9.38 -21.21 -31.10
CA LYS A 169 -10.18 -21.81 -32.15
C LYS A 169 -11.64 -21.92 -31.77
N ALA A 170 -11.92 -21.88 -30.47
CA ALA A 170 -13.31 -21.96 -30.01
C ALA A 170 -13.48 -21.36 -28.62
N CYS A 171 -14.72 -20.98 -28.31
CA CYS A 171 -15.03 -20.40 -27.00
C CYS A 171 -16.53 -20.45 -26.79
N LEU A 172 -16.96 -20.57 -25.53
CA LEU A 172 -18.39 -20.60 -25.23
C LEU A 172 -18.81 -19.16 -24.94
N ARG A 173 -19.93 -18.75 -25.52
CA ARG A 173 -20.46 -17.41 -25.35
C ARG A 173 -21.89 -17.49 -24.84
N ALA A 174 -22.30 -16.49 -24.07
CA ALA A 174 -23.66 -16.46 -23.60
C ALA A 174 -24.45 -15.84 -24.74
N LYS A 175 -25.65 -16.34 -24.97
CA LYS A 175 -26.48 -15.83 -26.05
C LYS A 175 -27.37 -14.74 -25.47
N ILE A 176 -26.99 -13.48 -25.67
CA ILE A 176 -27.79 -12.40 -25.13
C ILE A 176 -28.30 -11.44 -26.22
N ASP A 177 -27.69 -10.26 -26.35
CA ASP A 177 -28.16 -9.30 -27.36
C ASP A 177 -27.02 -8.53 -28.04
N MET A 178 -26.70 -8.87 -29.28
CA MET A 178 -25.62 -8.17 -29.98
C MET A 178 -25.91 -6.69 -30.21
N ALA A 179 -27.14 -6.27 -29.96
CA ALA A 179 -27.51 -4.87 -30.16
C ALA A 179 -27.60 -4.06 -28.87
N SER A 180 -27.47 -4.73 -27.72
CA SER A 180 -27.55 -4.03 -26.45
C SER A 180 -26.60 -2.83 -26.40
N PRO A 181 -27.05 -1.72 -25.81
CA PRO A 181 -26.15 -0.56 -25.73
C PRO A 181 -25.00 -0.85 -24.76
N PHE A 182 -25.19 -1.87 -23.94
CA PHE A 182 -24.17 -2.31 -23.00
C PHE A 182 -23.27 -3.24 -23.79
N ILE A 183 -22.05 -2.81 -24.06
CA ILE A 183 -21.16 -3.66 -24.86
C ILE A 183 -20.96 -5.01 -24.19
N VAL A 184 -20.89 -5.02 -22.87
CA VAL A 184 -20.68 -6.28 -22.16
C VAL A 184 -21.78 -7.32 -22.38
N MET A 185 -22.97 -6.88 -22.81
CA MET A 185 -24.07 -7.81 -23.03
C MET A 185 -24.11 -8.34 -24.46
N ARG A 186 -23.12 -7.99 -25.26
CA ARG A 186 -23.09 -8.43 -26.65
C ARG A 186 -22.46 -9.83 -26.71
N ASP A 187 -23.22 -10.84 -26.31
CA ASP A 187 -22.75 -12.22 -26.31
C ASP A 187 -21.39 -12.38 -25.62
N PRO A 188 -21.30 -12.06 -24.31
CA PRO A 188 -20.00 -12.18 -23.63
C PRO A 188 -19.41 -13.59 -23.60
N VAL A 189 -18.10 -13.67 -23.73
CA VAL A 189 -17.45 -14.96 -23.70
C VAL A 189 -17.53 -15.49 -22.28
N LEU A 190 -18.01 -16.71 -22.17
CA LEU A 190 -18.19 -17.41 -20.91
C LEU A 190 -16.91 -18.21 -20.58
N TYR A 191 -16.48 -19.03 -21.53
CA TYR A 191 -15.27 -19.85 -21.37
C TYR A 191 -14.32 -19.72 -22.54
N ARG A 192 -13.03 -19.68 -22.24
CA ARG A 192 -12.00 -19.60 -23.26
C ARG A 192 -10.98 -20.71 -23.02
N ILE A 193 -10.31 -21.12 -24.10
CA ILE A 193 -9.31 -22.19 -24.07
C ILE A 193 -7.90 -21.69 -23.81
N LYS A 194 -7.24 -22.29 -22.85
CA LYS A 194 -5.88 -21.95 -22.50
C LYS A 194 -5.17 -23.20 -22.01
N PHE A 195 -4.13 -23.60 -22.72
CA PHE A 195 -3.36 -24.77 -22.34
C PHE A 195 -2.26 -24.29 -21.42
N ALA A 196 -2.66 -23.87 -20.23
CA ALA A 196 -1.72 -23.39 -19.24
C ALA A 196 -1.94 -24.08 -17.92
N GLU A 197 -0.89 -24.11 -17.10
CA GLU A 197 -0.96 -24.76 -15.80
C GLU A 197 -1.53 -23.79 -14.78
N HIS A 198 -2.49 -24.28 -14.00
CA HIS A 198 -3.11 -23.48 -12.98
C HIS A 198 -2.41 -23.75 -11.65
N HIS A 199 -2.15 -22.68 -10.89
CA HIS A 199 -1.47 -22.83 -9.61
C HIS A 199 -2.28 -23.55 -8.54
N GLN A 200 -3.51 -23.95 -8.86
CA GLN A 200 -4.33 -24.66 -7.90
C GLN A 200 -4.89 -25.94 -8.50
N THR A 201 -5.26 -25.91 -9.78
CA THR A 201 -5.81 -27.11 -10.39
C THR A 201 -4.82 -27.80 -11.33
N GLY A 202 -3.59 -27.31 -11.34
CA GLY A 202 -2.58 -27.92 -12.18
C GLY A 202 -2.96 -27.88 -13.64
N ASN A 203 -3.04 -29.05 -14.25
CA ASN A 203 -3.36 -29.15 -15.66
C ASN A 203 -4.64 -29.92 -15.90
N LYS A 204 -5.52 -29.92 -14.90
CA LYS A 204 -6.80 -30.60 -15.02
C LYS A 204 -7.69 -29.89 -16.05
N TRP A 205 -7.56 -28.56 -16.15
CA TRP A 205 -8.38 -27.80 -17.08
C TRP A 205 -7.63 -27.17 -18.22
N CYS A 206 -8.22 -27.22 -19.41
CA CYS A 206 -7.62 -26.56 -20.56
C CYS A 206 -8.59 -25.43 -20.93
N ILE A 207 -9.73 -25.36 -20.23
CA ILE A 207 -10.69 -24.27 -20.44
C ILE A 207 -10.93 -23.56 -19.11
N TYR A 208 -10.96 -22.23 -19.14
CA TYR A 208 -11.17 -21.46 -17.92
C TYR A 208 -12.30 -20.43 -18.02
N PRO A 209 -13.10 -20.31 -16.95
CA PRO A 209 -14.22 -19.36 -16.92
C PRO A 209 -13.76 -17.90 -16.89
N MET A 210 -14.55 -17.02 -17.48
CA MET A 210 -14.26 -15.60 -17.52
C MET A 210 -14.71 -14.91 -16.20
N TYR A 211 -14.17 -13.73 -15.94
CA TYR A 211 -14.54 -12.99 -14.74
C TYR A 211 -16.04 -12.86 -14.48
N ASP A 212 -16.78 -12.35 -15.45
CA ASP A 212 -18.22 -12.12 -15.28
C ASP A 212 -19.05 -13.35 -15.00
N PHE A 213 -18.65 -14.46 -15.58
CA PHE A 213 -19.39 -15.68 -15.36
C PHE A 213 -19.09 -16.20 -13.97
N THR A 214 -17.82 -16.10 -13.61
CA THR A 214 -17.29 -16.60 -12.34
C THR A 214 -17.63 -15.82 -11.09
N HIS A 215 -17.43 -14.51 -11.13
CA HIS A 215 -17.66 -13.71 -9.93
C HIS A 215 -19.02 -13.80 -9.27
N CYS A 216 -20.08 -13.65 -10.06
CA CYS A 216 -21.41 -13.72 -9.48
C CYS A 216 -21.74 -15.12 -8.97
N ILE A 217 -21.35 -16.16 -9.69
CA ILE A 217 -21.65 -17.51 -9.24
C ILE A 217 -20.89 -17.81 -7.96
N SER A 218 -19.64 -17.33 -7.89
CA SER A 218 -18.82 -17.51 -6.71
C SER A 218 -19.45 -16.78 -5.52
N ASP A 219 -19.85 -15.53 -5.72
CA ASP A 219 -20.49 -14.80 -4.64
C ASP A 219 -21.73 -15.59 -4.20
N ALA A 220 -22.52 -16.00 -5.18
CA ALA A 220 -23.75 -16.74 -4.91
C ALA A 220 -23.50 -18.02 -4.11
N LEU A 221 -22.60 -18.88 -4.59
CA LEU A 221 -22.30 -20.11 -3.88
C LEU A 221 -21.81 -19.87 -2.45
N GLU A 222 -21.12 -18.76 -2.24
CA GLU A 222 -20.60 -18.46 -0.93
C GLU A 222 -21.61 -17.77 -0.02
N GLY A 223 -22.78 -17.46 -0.54
CA GLY A 223 -23.77 -16.81 0.29
C GLY A 223 -23.53 -15.34 0.52
N ILE A 224 -22.73 -14.72 -0.34
CA ILE A 224 -22.42 -13.28 -0.24
C ILE A 224 -23.73 -12.48 -0.28
N THR A 225 -23.86 -11.44 0.56
CA THR A 225 -25.07 -10.62 0.53
C THR A 225 -24.84 -9.33 -0.23
N HIS A 226 -23.67 -8.73 -0.02
CA HIS A 226 -23.33 -7.49 -0.71
C HIS A 226 -21.96 -7.61 -1.32
N SER A 227 -21.95 -7.69 -2.65
CA SER A 227 -20.73 -7.85 -3.43
C SER A 227 -20.21 -6.43 -3.74
N LEU A 228 -19.11 -6.07 -3.09
CA LEU A 228 -18.54 -4.74 -3.25
C LEU A 228 -17.29 -4.58 -4.12
N CYS A 229 -17.44 -3.85 -5.23
CA CYS A 229 -16.35 -3.59 -6.15
C CYS A 229 -16.26 -2.11 -6.58
N THR A 230 -15.36 -1.83 -7.53
CA THR A 230 -15.17 -0.47 -7.99
C THR A 230 -16.07 -0.09 -9.16
N LEU A 231 -16.09 1.21 -9.44
CA LEU A 231 -16.92 1.79 -10.49
C LEU A 231 -16.78 1.19 -11.86
N GLU A 232 -15.56 0.80 -12.26
CA GLU A 232 -15.41 0.26 -13.61
C GLU A 232 -16.22 -1.01 -13.88
N PHE A 233 -16.94 -1.48 -12.87
CA PHE A 233 -17.76 -2.69 -13.02
C PHE A 233 -19.25 -2.43 -13.06
N GLN A 234 -19.65 -1.17 -13.05
CA GLN A 234 -21.07 -0.85 -13.10
C GLN A 234 -21.78 -1.46 -14.32
N ASP A 235 -21.18 -1.38 -15.50
CA ASP A 235 -21.83 -1.97 -16.67
C ASP A 235 -21.94 -3.47 -16.46
N ASN A 236 -20.90 -4.05 -15.86
CA ASN A 236 -20.86 -5.49 -15.61
C ASN A 236 -21.99 -6.03 -14.76
N ARG A 237 -22.51 -5.20 -13.85
CA ARG A 237 -23.61 -5.61 -13.00
C ARG A 237 -24.76 -6.19 -13.83
N ARG A 238 -25.00 -5.63 -15.00
CA ARG A 238 -26.07 -6.14 -15.83
C ARG A 238 -25.83 -7.57 -16.24
N LEU A 239 -24.55 -7.93 -16.43
CA LEU A 239 -24.21 -9.30 -16.82
C LEU A 239 -24.22 -10.18 -15.58
N TYR A 240 -23.78 -9.60 -14.47
CA TYR A 240 -23.73 -10.23 -13.16
C TYR A 240 -25.15 -10.73 -12.86
N ASP A 241 -26.12 -9.83 -13.03
CA ASP A 241 -27.51 -10.20 -12.77
C ASP A 241 -28.09 -11.14 -13.82
N TRP A 242 -27.64 -11.00 -15.06
CA TRP A 242 -28.14 -11.86 -16.13
C TRP A 242 -27.82 -13.30 -15.81
N VAL A 243 -26.60 -13.56 -15.37
CA VAL A 243 -26.18 -14.91 -15.05
C VAL A 243 -26.98 -15.48 -13.88
N LEU A 244 -27.05 -14.75 -12.78
CA LEU A 244 -27.80 -15.25 -11.65
C LEU A 244 -29.28 -15.43 -12.00
N ASP A 245 -29.81 -14.58 -12.85
CA ASP A 245 -31.22 -14.69 -13.22
C ASP A 245 -31.54 -15.84 -14.15
N ASN A 246 -30.52 -16.38 -14.83
CA ASN A 246 -30.80 -17.46 -15.75
C ASN A 246 -30.29 -18.87 -15.42
N ILE A 247 -29.76 -19.07 -14.22
CA ILE A 247 -29.29 -20.39 -13.79
C ILE A 247 -30.03 -20.77 -12.52
N THR A 248 -30.01 -22.05 -12.14
CA THR A 248 -30.71 -22.49 -10.95
C THR A 248 -29.81 -22.33 -9.72
N ILE A 249 -30.07 -21.28 -8.96
CA ILE A 249 -29.27 -21.00 -7.78
C ILE A 249 -30.16 -20.21 -6.79
N PRO A 250 -30.27 -20.70 -5.56
CA PRO A 250 -31.07 -20.12 -4.49
C PRO A 250 -30.90 -18.67 -4.02
N VAL A 251 -29.74 -18.07 -4.20
CA VAL A 251 -29.58 -16.70 -3.76
C VAL A 251 -29.18 -15.76 -4.88
N HIS A 252 -29.26 -14.46 -4.64
CA HIS A 252 -28.87 -13.50 -5.68
C HIS A 252 -28.15 -12.30 -5.10
N PRO A 253 -26.87 -12.47 -4.72
CA PRO A 253 -26.10 -11.37 -4.15
C PRO A 253 -26.23 -10.12 -5.01
N ARG A 254 -26.20 -8.94 -4.38
CA ARG A 254 -26.31 -7.70 -5.13
C ARG A 254 -24.99 -6.96 -5.12
N GLN A 255 -24.67 -6.35 -6.26
CA GLN A 255 -23.42 -5.62 -6.42
C GLN A 255 -23.63 -4.12 -6.20
N TYR A 256 -22.68 -3.50 -5.53
CA TYR A 256 -22.70 -2.07 -5.27
C TYR A 256 -21.28 -1.64 -5.51
N GLU A 257 -21.11 -0.58 -6.32
CA GLU A 257 -19.79 -0.08 -6.69
C GLU A 257 -19.40 1.25 -6.06
N PHE A 258 -18.13 1.37 -5.70
CA PHE A 258 -17.60 2.59 -5.13
C PHE A 258 -16.37 3.01 -5.93
N SER A 259 -16.01 4.28 -5.85
CA SER A 259 -14.85 4.80 -6.59
C SER A 259 -13.52 4.29 -6.05
N ARG A 260 -12.58 4.01 -6.94
CA ARG A 260 -11.28 3.51 -6.50
C ARG A 260 -10.43 4.64 -5.93
N LEU A 261 -9.45 4.28 -5.12
CA LEU A 261 -8.54 5.25 -4.53
C LEU A 261 -7.42 5.55 -5.52
N ASN A 262 -7.01 6.81 -5.54
CA ASN A 262 -5.91 7.29 -6.36
C ASN A 262 -5.08 8.17 -5.44
N LEU A 263 -3.77 7.96 -5.44
CA LEU A 263 -2.86 8.74 -4.61
C LEU A 263 -1.95 9.56 -5.49
N GLU A 264 -1.77 10.84 -5.18
CA GLU A 264 -0.90 11.68 -5.99
C GLU A 264 0.53 11.18 -5.96
N TYR A 265 1.25 11.49 -7.03
CA TYR A 265 2.65 11.13 -7.15
C TYR A 265 2.94 9.63 -7.11
N THR A 266 1.92 8.83 -7.42
CA THR A 266 2.14 7.40 -7.48
C THR A 266 1.17 6.70 -8.42
N VAL A 267 1.48 5.46 -8.75
CA VAL A 267 0.65 4.68 -9.64
C VAL A 267 0.00 3.57 -8.85
N MET A 268 -1.27 3.31 -9.17
CA MET A 268 -2.03 2.31 -8.46
C MET A 268 -2.26 1.04 -9.27
N SER A 269 -2.06 1.14 -10.57
CA SER A 269 -2.23 0.03 -11.51
C SER A 269 -1.29 -1.13 -11.25
N LYS A 270 -1.84 -2.34 -11.13
CA LYS A 270 -1.00 -3.52 -10.90
C LYS A 270 0.06 -3.67 -11.99
N ARG A 271 -0.37 -3.53 -13.25
CA ARG A 271 0.52 -3.63 -14.40
C ARG A 271 1.73 -2.71 -14.29
N LYS A 272 1.47 -1.45 -13.93
CA LYS A 272 2.51 -0.46 -13.81
C LYS A 272 3.45 -0.68 -12.61
N LEU A 273 2.92 -1.27 -11.55
CA LEU A 273 3.73 -1.56 -10.39
C LEU A 273 4.58 -2.77 -10.77
N ASN A 274 4.00 -3.68 -11.53
CA ASN A 274 4.74 -4.86 -11.96
C ASN A 274 5.90 -4.39 -12.85
N LEU A 275 5.65 -3.44 -13.75
CA LEU A 275 6.70 -2.94 -14.61
C LEU A 275 7.89 -2.40 -13.81
N LEU A 276 7.61 -1.58 -12.80
CA LEU A 276 8.67 -1.03 -11.97
C LEU A 276 9.52 -2.14 -11.36
N VAL A 277 8.87 -3.25 -11.00
CA VAL A 277 9.54 -4.39 -10.38
C VAL A 277 10.30 -5.20 -11.43
N THR A 278 9.64 -5.52 -12.53
CA THR A 278 10.26 -6.28 -13.61
C THR A 278 11.48 -5.57 -14.17
N ASP A 279 11.43 -4.25 -14.30
CA ASP A 279 12.55 -3.49 -14.82
C ASP A 279 13.51 -2.99 -13.76
N LYS A 280 13.40 -3.55 -12.58
CA LYS A 280 14.28 -3.20 -11.47
C LYS A 280 14.48 -1.71 -11.15
N HIS A 281 13.43 -0.90 -11.26
CA HIS A 281 13.56 0.51 -10.93
C HIS A 281 13.31 0.68 -9.43
N VAL A 282 12.81 -0.39 -8.80
CA VAL A 282 12.58 -0.40 -7.36
C VAL A 282 13.14 -1.74 -6.91
N GLU A 283 13.37 -1.90 -5.62
CA GLU A 283 13.92 -3.15 -5.12
C GLU A 283 12.81 -4.15 -4.82
N GLY A 284 12.08 -4.57 -5.84
CA GLY A 284 10.99 -5.52 -5.62
C GLY A 284 9.71 -4.88 -5.10
N TRP A 285 8.61 -5.63 -5.15
CA TRP A 285 7.31 -5.14 -4.71
C TRP A 285 7.30 -4.40 -3.38
N ASP A 286 8.13 -4.81 -2.44
CA ASP A 286 8.14 -4.18 -1.12
C ASP A 286 9.14 -3.02 -0.94
N ASP A 287 9.52 -2.38 -2.03
CA ASP A 287 10.44 -1.26 -1.95
C ASP A 287 9.70 -0.20 -1.14
N PRO A 288 10.38 0.48 -0.21
CA PRO A 288 9.80 1.52 0.64
C PRO A 288 9.18 2.71 -0.09
N ARG A 289 9.42 2.80 -1.40
CA ARG A 289 8.86 3.90 -2.19
C ARG A 289 7.57 3.50 -2.91
N MET A 290 7.24 2.21 -2.80
CA MET A 290 6.05 1.62 -3.44
C MET A 290 4.76 1.82 -2.68
N PRO A 291 3.64 2.00 -3.41
CA PRO A 291 2.33 2.19 -2.79
C PRO A 291 1.73 0.86 -2.35
N THR A 292 2.54 -0.19 -2.32
CA THR A 292 2.10 -1.52 -1.90
C THR A 292 1.98 -1.61 -0.38
N ILE A 293 1.13 -2.51 0.09
CA ILE A 293 0.95 -2.71 1.53
C ILE A 293 2.28 -3.10 2.16
N SER A 294 2.98 -4.05 1.55
CA SER A 294 4.26 -4.48 2.08
C SER A 294 5.32 -3.38 1.96
N GLY A 295 5.25 -2.61 0.88
CA GLY A 295 6.19 -1.52 0.69
C GLY A 295 5.98 -0.45 1.74
N LEU A 296 4.72 -0.22 2.12
CA LEU A 296 4.43 0.79 3.13
C LEU A 296 4.94 0.26 4.48
N ARG A 297 4.82 -1.06 4.67
CA ARG A 297 5.27 -1.70 5.90
C ARG A 297 6.77 -1.50 6.08
N ARG A 298 7.54 -1.72 5.03
CA ARG A 298 8.99 -1.55 5.10
C ARG A 298 9.34 -0.08 5.33
N ARG A 299 8.53 0.79 4.76
CA ARG A 299 8.71 2.24 4.87
C ARG A 299 8.52 2.69 6.32
N GLY A 300 7.84 1.89 7.12
CA GLY A 300 7.61 2.22 8.52
C GLY A 300 6.17 2.56 8.88
N TYR A 301 5.26 2.36 7.92
CA TYR A 301 3.84 2.63 8.16
C TYR A 301 3.28 1.53 9.05
N THR A 302 2.31 1.87 9.89
CA THR A 302 1.70 0.89 10.78
C THR A 302 0.34 0.46 10.23
N ALA A 303 -0.07 -0.78 10.50
CA ALA A 303 -1.36 -1.26 10.01
C ALA A 303 -2.45 -0.35 10.52
N ALA A 304 -2.29 0.12 11.74
CA ALA A 304 -3.27 1.03 12.33
C ALA A 304 -3.37 2.32 11.54
N SER A 305 -2.22 2.88 11.14
CA SER A 305 -2.24 4.12 10.38
C SER A 305 -2.95 3.94 9.04
N ILE A 306 -2.79 2.78 8.41
CA ILE A 306 -3.45 2.55 7.14
C ILE A 306 -4.96 2.45 7.28
N ARG A 307 -5.44 1.88 8.38
CA ARG A 307 -6.88 1.76 8.60
C ARG A 307 -7.47 3.14 8.86
N GLU A 308 -6.71 3.98 9.55
CA GLU A 308 -7.16 5.33 9.82
C GLU A 308 -7.34 6.04 8.48
N PHE A 309 -6.34 5.90 7.62
CA PHE A 309 -6.37 6.51 6.29
C PHE A 309 -7.61 6.08 5.52
N CYS A 310 -7.82 4.77 5.44
CA CYS A 310 -8.95 4.22 4.72
C CYS A 310 -10.27 4.71 5.28
N LYS A 311 -10.27 5.03 6.57
CA LYS A 311 -11.46 5.53 7.22
C LYS A 311 -11.67 7.01 6.88
N ARG A 312 -10.60 7.78 6.81
CA ARG A 312 -10.70 9.20 6.50
C ARG A 312 -11.08 9.52 5.06
N ILE A 313 -10.59 8.74 4.09
CA ILE A 313 -10.89 9.04 2.69
C ILE A 313 -12.34 8.81 2.32
N GLY A 314 -13.02 7.99 3.12
CA GLY A 314 -14.42 7.70 2.85
C GLY A 314 -14.68 6.70 1.75
N VAL A 315 -15.96 6.48 1.48
CA VAL A 315 -16.41 5.53 0.47
C VAL A 315 -17.58 6.15 -0.29
N THR A 316 -17.33 6.51 -1.54
CA THR A 316 -18.38 7.14 -2.35
C THR A 316 -18.34 6.62 -3.78
N LYS A 317 -18.92 7.39 -4.69
CA LYS A 317 -18.94 7.04 -6.10
C LYS A 317 -18.25 8.15 -6.91
N GLN A 318 -17.76 9.17 -6.21
CA GLN A 318 -17.08 10.30 -6.86
C GLN A 318 -15.62 9.95 -7.12
N ASP A 319 -15.12 10.16 -8.32
CA ASP A 319 -13.71 9.86 -8.56
C ASP A 319 -12.89 10.74 -7.63
N ASN A 320 -11.68 10.31 -7.30
CA ASN A 320 -10.89 11.07 -6.36
C ASN A 320 -9.40 10.76 -6.41
N THR A 321 -8.60 11.72 -5.98
CA THR A 321 -7.17 11.52 -5.88
C THR A 321 -6.79 12.18 -4.58
N ILE A 322 -6.53 11.35 -3.58
CA ILE A 322 -6.15 11.82 -2.27
C ILE A 322 -4.71 12.35 -2.33
N GLU A 323 -4.43 13.39 -1.56
CA GLU A 323 -3.11 13.99 -1.52
C GLU A 323 -2.21 13.23 -0.56
N MET A 324 -0.90 13.20 -0.84
CA MET A 324 0.04 12.49 0.03
C MET A 324 -0.04 12.95 1.47
N ALA A 325 -0.21 14.26 1.66
CA ALA A 325 -0.32 14.83 3.00
C ALA A 325 -1.35 14.12 3.87
N SER A 326 -2.44 13.68 3.25
CA SER A 326 -3.49 12.99 3.97
C SER A 326 -2.97 11.66 4.53
N LEU A 327 -2.16 10.96 3.74
CA LEU A 327 -1.59 9.68 4.16
C LEU A 327 -0.54 9.93 5.26
N GLU A 328 0.37 10.84 4.97
CA GLU A 328 1.44 11.19 5.89
C GLU A 328 0.91 11.66 7.22
N SER A 329 -0.19 12.41 7.18
CA SER A 329 -0.79 12.88 8.41
C SER A 329 -1.17 11.70 9.31
N CYS A 330 -1.72 10.64 8.73
CA CYS A 330 -2.11 9.47 9.52
C CYS A 330 -0.97 8.78 10.23
N ILE A 331 0.16 8.64 9.54
CA ILE A 331 1.30 7.97 10.17
C ILE A 331 1.98 8.84 11.22
N ARG A 332 1.97 10.16 11.02
CA ARG A 332 2.59 11.04 12.00
C ARG A 332 1.76 10.99 13.26
N GLU A 333 0.46 10.81 13.09
CA GLU A 333 -0.46 10.77 14.21
C GLU A 333 -0.27 9.51 15.05
N ASP A 334 -0.06 8.38 14.39
CA ASP A 334 0.14 7.11 15.08
C ASP A 334 1.52 7.05 15.73
N LEU A 335 2.54 7.49 14.99
CA LEU A 335 3.90 7.47 15.49
C LEU A 335 4.18 8.57 16.52
N ASN A 336 3.45 9.68 16.46
CA ASN A 336 3.66 10.76 17.41
C ASN A 336 3.48 10.34 18.87
N GLU A 337 2.36 9.69 19.16
CA GLU A 337 2.11 9.27 20.54
C GLU A 337 2.58 7.87 20.88
N ASN A 338 3.20 7.18 19.94
CA ASN A 338 3.65 5.82 20.21
C ASN A 338 5.15 5.61 20.12
N ALA A 339 5.77 6.10 19.05
CA ALA A 339 7.22 5.91 18.89
C ALA A 339 8.07 6.63 19.92
N PRO A 340 9.07 5.94 20.47
CA PRO A 340 9.96 6.56 21.46
C PRO A 340 11.01 7.40 20.75
N ARG A 341 11.30 8.56 21.34
CA ARG A 341 12.28 9.50 20.81
C ARG A 341 13.71 9.04 20.94
N ALA A 342 14.54 9.39 19.96
CA ALA A 342 15.95 9.03 19.96
C ALA A 342 16.76 10.19 19.37
N MET A 343 18.08 10.01 19.29
CA MET A 343 18.98 11.04 18.77
C MET A 343 19.81 10.50 17.63
N ALA A 344 19.80 11.22 16.52
CA ALA A 344 20.60 10.83 15.38
C ALA A 344 20.93 12.06 14.57
N VAL A 345 22.08 12.04 13.92
CA VAL A 345 22.51 13.16 13.11
C VAL A 345 22.75 12.62 11.72
N ILE A 346 22.00 13.14 10.76
CA ILE A 346 22.10 12.70 9.38
C ILE A 346 23.24 13.40 8.63
N ASP A 347 23.39 14.69 8.90
CA ASP A 347 24.44 15.48 8.28
C ASP A 347 25.39 15.92 9.40
N PRO A 348 26.36 15.05 9.75
CA PRO A 348 27.37 15.25 10.80
C PRO A 348 28.54 16.19 10.52
N VAL A 349 28.93 16.89 11.57
CA VAL A 349 30.05 17.82 11.53
C VAL A 349 30.65 17.90 12.96
N LYS A 350 31.95 17.68 13.05
CA LYS A 350 32.68 17.70 14.33
C LYS A 350 32.43 18.98 15.12
N LEU A 351 32.11 18.84 16.40
CA LEU A 351 31.88 20.01 17.23
C LEU A 351 32.52 19.84 18.60
N VAL A 352 33.82 20.12 18.69
CA VAL A 352 34.58 19.97 19.94
C VAL A 352 34.45 21.16 20.87
N ILE A 353 34.01 20.90 22.10
CA ILE A 353 33.85 21.95 23.09
C ILE A 353 35.07 22.03 24.02
N GLU A 354 36.01 22.92 23.67
CA GLU A 354 37.25 23.14 24.41
C GLU A 354 37.02 23.24 25.92
N ASN A 355 35.99 23.99 26.30
CA ASN A 355 35.66 24.18 27.71
C ASN A 355 35.60 22.86 28.48
N TYR A 356 34.91 21.86 27.93
CA TYR A 356 34.77 20.54 28.58
C TYR A 356 36.09 19.79 28.74
N GLN A 357 36.23 19.12 29.89
CA GLN A 357 37.44 18.34 30.18
C GLN A 357 37.06 16.93 30.66
N GLY A 358 37.92 15.97 30.35
CA GLY A 358 37.66 14.59 30.76
C GLY A 358 37.27 13.68 29.62
N GLU A 359 36.49 12.64 29.92
CA GLU A 359 36.03 11.71 28.91
C GLU A 359 34.53 11.76 28.66
N GLY A 360 33.77 12.18 29.67
CA GLY A 360 32.34 12.27 29.50
C GLY A 360 31.48 12.03 30.73
N GLU A 361 30.21 11.75 30.48
CA GLU A 361 29.22 11.47 31.52
C GLU A 361 27.98 10.84 30.91
N MET A 362 26.89 10.80 31.69
CA MET A 362 25.63 10.22 31.23
C MET A 362 24.47 11.15 31.55
N VAL A 363 23.63 11.40 30.56
CA VAL A 363 22.48 12.28 30.76
C VAL A 363 21.17 11.50 30.69
N THR A 364 20.15 12.02 31.36
CA THR A 364 18.83 11.38 31.39
C THR A 364 17.88 11.94 30.33
N MET A 365 17.70 11.18 29.25
CA MET A 365 16.80 11.58 28.17
C MET A 365 15.46 10.85 28.20
N PRO A 366 14.35 11.60 28.16
CA PRO A 366 13.00 11.02 28.18
C PRO A 366 12.71 10.26 26.89
N ASN A 367 11.83 9.26 26.95
CA ASN A 367 11.49 8.51 25.74
C ASN A 367 10.32 9.18 25.04
N HIS A 368 9.75 10.19 25.68
CA HIS A 368 8.64 10.94 25.11
C HIS A 368 8.30 12.15 26.00
N PRO A 369 8.79 13.34 25.62
CA PRO A 369 8.62 14.65 26.26
C PRO A 369 7.26 14.94 26.89
N ASN A 370 6.21 14.31 26.38
CA ASN A 370 4.87 14.55 26.93
C ASN A 370 4.25 13.29 27.51
N LYS A 371 5.04 12.22 27.54
CA LYS A 371 4.59 10.95 28.07
C LYS A 371 5.68 10.33 28.95
N PRO A 372 5.62 10.61 30.26
CA PRO A 372 6.62 10.07 31.19
C PRO A 372 6.47 8.54 31.35
N GLU A 373 5.24 8.05 31.28
CA GLU A 373 4.98 6.63 31.42
C GLU A 373 5.86 5.80 30.49
N MET A 374 6.35 6.40 29.41
CA MET A 374 7.19 5.68 28.46
C MET A 374 8.61 5.49 28.98
N GLY A 375 8.89 6.04 30.15
CA GLY A 375 10.20 5.89 30.74
C GLY A 375 11.27 6.82 30.20
N SER A 376 12.52 6.57 30.61
CA SER A 376 13.66 7.36 30.21
C SER A 376 14.87 6.46 30.04
N ARG A 377 15.94 7.01 29.49
CA ARG A 377 17.16 6.24 29.25
C ARG A 377 18.42 7.07 29.50
N GLN A 378 19.57 6.41 29.49
CA GLN A 378 20.84 7.08 29.74
C GLN A 378 21.69 7.18 28.49
N VAL A 379 22.07 8.41 28.15
CA VAL A 379 22.89 8.65 26.96
C VAL A 379 24.18 9.39 27.29
N PRO A 380 25.30 8.96 26.69
CA PRO A 380 26.62 9.57 26.91
C PRO A 380 26.75 11.01 26.41
N PHE A 381 27.49 11.82 27.17
CA PHE A 381 27.75 13.21 26.83
C PHE A 381 29.26 13.46 26.87
N SER A 382 29.90 13.56 25.70
CA SER A 382 31.33 13.80 25.66
C SER A 382 31.64 15.28 25.36
N GLY A 383 32.88 15.55 24.98
CA GLY A 383 33.28 16.91 24.67
C GLY A 383 33.54 17.07 23.19
N GLU A 384 33.17 16.06 22.44
CA GLU A 384 33.34 16.07 20.99
C GLU A 384 32.08 15.52 20.33
N ILE A 385 30.94 16.07 20.75
CA ILE A 385 29.64 15.68 20.25
C ILE A 385 29.46 15.98 18.76
N TRP A 386 28.52 15.28 18.13
CA TRP A 386 28.20 15.48 16.72
C TRP A 386 26.99 16.41 16.65
N ILE A 387 26.95 17.23 15.61
CA ILE A 387 25.86 18.17 15.42
C ILE A 387 25.53 18.16 13.92
N ASP A 388 24.31 18.58 13.58
CA ASP A 388 23.92 18.61 12.18
C ASP A 388 24.26 19.94 11.55
N ARG A 389 24.89 19.91 10.38
CA ARG A 389 25.28 21.12 9.65
C ARG A 389 24.19 22.20 9.69
N ALA A 390 22.96 21.77 9.51
CA ALA A 390 21.82 22.68 9.48
C ALA A 390 21.50 23.38 10.80
N ASP A 391 22.24 23.06 11.87
CA ASP A 391 21.98 23.67 13.16
C ASP A 391 23.03 24.71 13.56
N PHE A 392 23.96 24.98 12.66
CA PHE A 392 25.00 25.96 12.91
C PHE A 392 25.17 26.88 11.72
N ARG A 393 25.43 28.15 12.02
CA ARG A 393 25.62 29.16 10.98
C ARG A 393 26.45 30.30 11.55
N GLU A 394 27.52 30.67 10.85
CA GLU A 394 28.36 31.77 11.30
C GLU A 394 27.54 33.05 11.43
N GLU A 395 26.79 33.37 10.38
CA GLU A 395 25.95 34.56 10.35
C GLU A 395 24.50 34.20 10.02
N ALA A 396 23.56 34.69 10.84
CA ALA A 396 22.14 34.43 10.62
C ALA A 396 21.27 35.45 11.33
N ASN A 397 20.12 35.74 10.73
CA ASN A 397 19.17 36.71 11.29
C ASN A 397 18.47 36.23 12.54
N LYS A 398 17.54 37.04 13.06
CA LYS A 398 16.80 36.70 14.27
C LYS A 398 15.79 35.57 14.02
N GLN A 399 15.66 35.16 12.76
CA GLN A 399 14.74 34.08 12.42
C GLN A 399 15.40 32.72 12.52
N TYR A 400 16.73 32.70 12.60
CA TYR A 400 17.47 31.45 12.73
C TYR A 400 17.54 31.16 14.21
N LYS A 401 16.95 30.05 14.64
CA LYS A 401 16.95 29.70 16.05
C LYS A 401 18.07 28.77 16.50
N ARG A 402 18.85 28.25 15.57
CA ARG A 402 19.93 27.33 15.93
C ARG A 402 21.20 27.94 16.55
N LEU A 403 22.37 27.52 16.08
CA LEU A 403 23.64 28.02 16.62
C LEU A 403 24.37 29.01 15.69
N VAL A 404 24.71 30.18 16.23
CA VAL A 404 25.42 31.22 15.47
C VAL A 404 26.91 31.25 15.83
N LEU A 405 27.74 31.83 14.96
CA LEU A 405 29.19 31.90 15.18
C LEU A 405 29.60 32.49 16.51
N GLY A 406 28.75 33.32 17.10
CA GLY A 406 29.08 33.92 18.38
C GLY A 406 27.95 33.83 19.38
N LYS A 407 26.94 33.02 19.06
CA LYS A 407 25.78 32.85 19.92
C LYS A 407 25.76 31.51 20.65
N GLU A 408 24.75 31.31 21.50
CA GLU A 408 24.63 30.06 22.24
C GLU A 408 23.29 29.35 22.10
N VAL A 409 23.35 28.10 21.62
CA VAL A 409 22.15 27.28 21.45
C VAL A 409 22.06 26.30 22.61
N ARG A 410 20.95 25.59 22.70
CA ARG A 410 20.74 24.61 23.78
C ARG A 410 20.71 23.18 23.24
N LEU A 411 21.60 22.33 23.75
CA LEU A 411 21.65 20.93 23.31
C LEU A 411 20.48 20.18 23.95
N ARG A 412 19.87 19.27 23.19
CA ARG A 412 18.73 18.53 23.70
C ARG A 412 19.13 17.68 24.91
N ASN A 413 18.37 17.82 25.99
CA ASN A 413 18.63 17.10 27.24
C ASN A 413 20.12 17.17 27.61
N ALA A 414 20.67 18.38 27.64
CA ALA A 414 22.07 18.60 27.97
C ALA A 414 22.30 20.03 28.51
N TYR A 415 23.50 20.55 28.28
CA TYR A 415 23.87 21.89 28.75
C TYR A 415 23.84 22.92 27.61
N VAL A 416 23.62 24.18 27.97
CA VAL A 416 23.60 25.25 26.99
C VAL A 416 25.00 25.45 26.46
N ILE A 417 25.23 25.06 25.22
CA ILE A 417 26.52 25.21 24.58
C ILE A 417 26.63 26.67 24.11
N LYS A 418 27.82 27.08 23.67
CA LYS A 418 28.02 28.45 23.19
C LYS A 418 29.19 28.49 22.23
N ALA A 419 28.91 28.70 20.96
CA ALA A 419 29.94 28.74 19.93
C ALA A 419 30.90 29.91 20.12
N GLU A 420 32.16 29.69 19.75
CA GLU A 420 33.20 30.73 19.87
C GLU A 420 33.99 30.83 18.58
N ARG A 421 34.60 29.73 18.16
CA ARG A 421 35.40 29.71 16.94
C ARG A 421 35.00 28.58 16.00
N VAL A 422 35.49 28.64 14.77
CA VAL A 422 35.19 27.62 13.76
C VAL A 422 36.47 27.30 13.02
N GLU A 423 36.47 26.20 12.27
CA GLU A 423 37.64 25.78 11.51
C GLU A 423 37.17 25.24 10.16
N LYS A 424 37.77 25.75 9.08
CA LYS A 424 37.39 25.32 7.74
C LYS A 424 38.51 24.57 7.04
N ASP A 425 38.19 23.96 5.90
CA ASP A 425 39.17 23.20 5.13
C ASP A 425 39.68 24.04 3.96
N ALA A 426 40.34 23.38 3.01
CA ALA A 426 40.89 24.05 1.85
C ALA A 426 39.82 24.47 0.83
N GLU A 427 38.56 24.33 1.21
CA GLU A 427 37.46 24.72 0.31
C GLU A 427 36.34 25.45 1.04
N GLY A 428 36.67 26.13 2.13
CA GLY A 428 35.67 26.88 2.88
C GLY A 428 34.72 26.10 3.77
N ASN A 429 34.57 24.81 3.53
CA ASN A 429 33.67 23.96 4.33
C ASN A 429 34.15 23.81 5.78
N ILE A 430 33.25 23.99 6.74
CA ILE A 430 33.61 23.86 8.14
C ILE A 430 33.94 22.40 8.46
N THR A 431 34.90 22.21 9.36
CA THR A 431 35.32 20.87 9.78
C THR A 431 35.02 20.67 11.25
N THR A 432 35.24 21.70 12.05
CA THR A 432 34.98 21.62 13.48
C THR A 432 34.45 22.93 14.04
N ILE A 433 33.58 22.82 15.04
CA ILE A 433 32.98 23.98 15.68
C ILE A 433 33.39 23.97 17.15
N PHE A 434 34.25 24.90 17.53
CA PHE A 434 34.70 24.97 18.91
C PHE A 434 33.75 25.83 19.73
N CYS A 435 33.40 25.36 20.93
CA CYS A 435 32.46 26.09 21.79
C CYS A 435 32.81 25.97 23.28
N THR A 436 31.87 26.38 24.14
CA THR A 436 32.04 26.29 25.59
C THR A 436 30.64 26.08 26.17
N TYR A 437 30.55 25.72 27.45
CA TYR A 437 29.24 25.48 28.05
C TYR A 437 29.06 26.04 29.46
N ASP A 438 27.82 25.97 29.94
CA ASP A 438 27.49 26.42 31.28
C ASP A 438 27.24 25.16 32.10
N ALA A 439 28.11 24.90 33.07
CA ALA A 439 27.99 23.71 33.92
C ALA A 439 26.74 23.70 34.78
N ASP A 440 26.17 24.88 35.02
CA ASP A 440 24.96 24.98 35.84
C ASP A 440 23.70 25.09 34.97
N THR A 441 23.55 24.15 34.03
CA THR A 441 22.39 24.14 33.11
C THR A 441 21.52 22.91 33.33
N LEU A 442 22.05 21.77 32.88
CA LEU A 442 21.38 20.47 32.99
C LEU A 442 19.86 20.56 33.12
N SER A 443 19.37 20.45 34.35
CA SER A 443 17.94 20.48 34.63
C SER A 443 17.21 21.67 34.01
N LYS A 444 17.76 22.87 34.17
CA LYS A 444 17.13 24.08 33.62
C LYS A 444 17.86 25.36 33.99
N ASP A 445 17.24 26.50 33.66
CA ASP A 445 17.78 27.83 33.96
C ASP A 445 19.15 28.13 33.33
N PRO A 446 19.26 29.29 32.65
CA PRO A 446 20.52 29.70 32.01
C PRO A 446 21.39 30.50 32.97
N ALA A 447 21.40 30.08 34.24
CA ALA A 447 22.19 30.74 35.28
C ALA A 447 21.70 32.17 35.48
N ASP A 448 22.39 33.11 34.85
CA ASP A 448 22.04 34.52 34.94
C ASP A 448 20.55 34.73 34.64
N GLY A 449 20.17 34.38 33.42
CA GLY A 449 18.80 34.52 32.99
C GLY A 449 18.72 34.75 31.50
N ARG A 450 19.89 34.77 30.86
CA ARG A 450 19.97 34.99 29.42
C ARG A 450 19.22 33.95 28.61
N LYS A 451 18.06 34.36 28.10
CA LYS A 451 17.24 33.46 27.30
C LYS A 451 18.06 32.81 26.18
N VAL A 452 17.94 31.48 26.08
CA VAL A 452 18.65 30.71 25.05
C VAL A 452 17.63 30.42 23.96
N LYS A 453 17.89 30.89 22.74
CA LYS A 453 16.95 30.68 21.65
C LYS A 453 17.22 29.37 20.93
N GLY A 454 16.20 28.52 20.86
CA GLY A 454 16.33 27.26 20.17
C GLY A 454 16.97 26.11 20.93
N VAL A 455 16.82 24.92 20.36
CA VAL A 455 17.35 23.68 20.92
C VAL A 455 17.70 22.77 19.75
N ILE A 456 18.82 22.06 19.82
CA ILE A 456 19.17 21.15 18.73
C ILE A 456 19.58 19.78 19.24
N HIS A 457 19.51 18.79 18.36
CA HIS A 457 19.86 17.41 18.70
C HIS A 457 21.34 17.19 18.47
N TRP A 458 21.87 16.14 19.10
CA TRP A 458 23.29 15.81 18.99
C TRP A 458 23.56 14.36 19.34
N VAL A 459 24.75 13.90 18.98
CA VAL A 459 25.18 12.54 19.26
C VAL A 459 26.64 12.49 19.70
N SER A 460 26.86 12.35 21.01
CA SER A 460 28.19 12.28 21.59
C SER A 460 29.06 11.32 20.76
N ALA A 461 30.23 11.80 20.31
CA ALA A 461 31.11 10.97 19.49
C ALA A 461 31.69 9.81 20.29
N ALA A 462 31.43 9.80 21.60
CA ALA A 462 31.89 8.73 22.48
C ALA A 462 31.37 7.40 21.96
N HIS A 463 30.06 7.19 22.18
CA HIS A 463 29.37 5.99 21.74
C HIS A 463 29.18 6.08 20.23
N ALA A 464 28.33 7.02 19.81
CA ALA A 464 28.04 7.27 18.40
C ALA A 464 28.06 6.04 17.48
N LEU A 465 26.88 5.53 17.15
CA LEU A 465 26.77 4.38 16.28
C LEU A 465 26.66 4.81 14.83
N PRO A 466 27.64 4.45 14.00
CA PRO A 466 27.68 4.78 12.57
C PRO A 466 26.55 4.09 11.82
N VAL A 467 25.39 4.74 11.78
CA VAL A 467 24.20 4.21 11.13
C VAL A 467 23.96 4.79 9.74
N GLU A 468 23.53 3.95 8.81
CA GLU A 468 23.21 4.40 7.46
C GLU A 468 21.75 4.84 7.48
N ILE A 469 21.45 5.94 6.79
CA ILE A 469 20.09 6.44 6.76
C ILE A 469 19.56 6.60 5.34
N ARG A 470 18.32 6.16 5.14
CA ARG A 470 17.68 6.26 3.85
C ARG A 470 16.54 7.25 3.88
N LEU A 471 16.67 8.30 3.06
CA LEU A 471 15.66 9.34 2.96
C LEU A 471 14.92 9.15 1.67
N TYR A 472 13.62 8.91 1.76
CA TYR A 472 12.80 8.66 0.60
C TYR A 472 11.97 9.88 0.28
N ASP A 473 11.60 9.99 -1.00
CA ASP A 473 10.78 11.10 -1.47
C ASP A 473 9.81 10.54 -2.50
N ARG A 474 8.85 11.37 -2.94
CA ARG A 474 7.85 10.96 -3.93
C ARG A 474 8.52 10.13 -5.05
N LEU A 475 7.91 9.01 -5.41
CA LEU A 475 8.49 8.14 -6.45
C LEU A 475 8.44 8.76 -7.85
N PHE A 476 7.48 9.68 -8.05
CA PHE A 476 7.30 10.33 -9.35
C PHE A 476 7.32 11.82 -9.16
N SER A 477 7.83 12.56 -10.14
CA SER A 477 7.89 13.99 -10.00
C SER A 477 6.64 14.71 -10.45
N VAL A 478 5.63 13.97 -10.88
CA VAL A 478 4.36 14.59 -11.30
C VAL A 478 3.17 14.03 -10.53
N PRO A 479 2.20 14.88 -10.18
CA PRO A 479 0.99 14.49 -9.43
C PRO A 479 0.27 13.23 -9.94
N ASN A 480 0.06 13.14 -11.25
CA ASN A 480 -0.63 11.98 -11.82
C ASN A 480 0.26 11.23 -12.81
N PRO A 481 1.31 10.58 -12.30
CA PRO A 481 2.22 9.84 -13.18
C PRO A 481 1.53 8.89 -14.15
N GLY A 482 0.40 8.33 -13.75
CA GLY A 482 -0.31 7.42 -14.62
C GLY A 482 -0.70 8.06 -15.95
N ALA A 483 -1.13 9.31 -15.88
CA ALA A 483 -1.55 10.07 -17.05
C ALA A 483 -0.45 10.39 -18.07
N ALA A 484 0.82 10.31 -17.64
CA ALA A 484 1.94 10.59 -18.53
C ALA A 484 1.96 9.62 -19.70
N ASP A 485 2.61 10.01 -20.79
CA ASP A 485 2.69 9.15 -21.97
C ASP A 485 3.54 7.96 -21.58
N ASP A 486 4.59 8.22 -20.81
CA ASP A 486 5.48 7.18 -20.32
C ASP A 486 5.75 7.50 -18.85
N PHE A 487 5.00 6.88 -17.95
CA PHE A 487 5.17 7.15 -16.52
C PHE A 487 6.58 6.93 -16.02
N LEU A 488 7.28 5.94 -16.58
CA LEU A 488 8.64 5.68 -16.12
C LEU A 488 9.57 6.90 -16.30
N SER A 489 9.38 7.64 -17.39
CA SER A 489 10.25 8.79 -17.63
C SER A 489 10.05 9.93 -16.63
N VAL A 490 9.00 9.82 -15.81
CA VAL A 490 8.74 10.86 -14.81
C VAL A 490 9.07 10.42 -13.38
N ILE A 491 9.88 9.37 -13.27
CA ILE A 491 10.31 8.85 -11.98
C ILE A 491 11.23 9.85 -11.33
N ASN A 492 11.01 10.12 -10.06
CA ASN A 492 11.85 11.08 -9.37
C ASN A 492 13.20 10.45 -9.09
N PRO A 493 14.26 10.98 -9.72
CA PRO A 493 15.63 10.48 -9.55
C PRO A 493 16.13 10.56 -8.12
N GLU A 494 15.44 11.33 -7.28
CA GLU A 494 15.86 11.46 -5.89
C GLU A 494 14.87 10.84 -4.91
N SER A 495 14.08 9.87 -5.37
CA SER A 495 13.11 9.20 -4.52
C SER A 495 13.85 8.53 -3.37
N LEU A 496 15.14 8.27 -3.56
CA LEU A 496 15.98 7.67 -2.54
C LEU A 496 17.34 8.34 -2.48
N VAL A 497 17.76 8.75 -1.29
CA VAL A 497 19.07 9.36 -1.11
C VAL A 497 19.63 8.73 0.16
N ILE A 498 20.81 8.14 0.05
CA ILE A 498 21.43 7.49 1.19
C ILE A 498 22.43 8.39 1.87
N LYS A 499 22.29 8.53 3.17
CA LYS A 499 23.18 9.36 3.98
C LYS A 499 23.82 8.53 5.10
N GLN A 500 25.05 8.88 5.48
CA GLN A 500 25.77 8.18 6.56
C GLN A 500 25.81 9.12 7.76
N GLY A 501 25.38 8.64 8.92
CA GLY A 501 25.38 9.50 10.09
C GLY A 501 25.73 8.79 11.37
N PHE A 502 25.32 9.38 12.49
CA PHE A 502 25.61 8.82 13.80
C PHE A 502 24.40 8.89 14.69
N ALA A 503 24.15 7.82 15.42
CA ALA A 503 23.01 7.80 16.31
C ALA A 503 23.47 7.43 17.71
N GLU A 504 22.66 7.78 18.70
CA GLU A 504 23.01 7.45 20.07
C GLU A 504 23.21 5.95 20.13
N PRO A 505 24.04 5.47 21.07
CA PRO A 505 24.31 4.03 21.20
C PRO A 505 23.09 3.12 21.39
N SER A 506 22.09 3.58 22.14
CA SER A 506 20.91 2.77 22.39
C SER A 506 20.22 2.21 21.14
N LEU A 507 20.37 2.87 20.01
CA LEU A 507 19.73 2.42 18.78
C LEU A 507 20.27 1.13 18.18
N LYS A 508 21.23 0.48 18.84
CA LYS A 508 21.73 -0.77 18.29
C LYS A 508 20.76 -1.90 18.64
N ASP A 509 19.85 -1.62 19.56
CA ASP A 509 18.84 -2.60 19.94
C ASP A 509 17.63 -2.49 19.03
N ALA A 510 17.60 -1.47 18.19
CA ALA A 510 16.49 -1.25 17.27
C ALA A 510 16.16 -2.54 16.52
N VAL A 511 14.88 -2.93 16.57
CA VAL A 511 14.39 -4.12 15.90
C VAL A 511 13.53 -3.73 14.72
N ALA A 512 13.74 -4.35 13.56
CA ALA A 512 12.94 -4.04 12.38
C ALA A 512 11.47 -4.16 12.73
N GLY A 513 10.70 -3.12 12.41
CA GLY A 513 9.28 -3.17 12.71
C GLY A 513 8.93 -2.26 13.88
N LYS A 514 9.95 -1.69 14.50
CA LYS A 514 9.75 -0.80 15.62
C LYS A 514 9.98 0.64 15.14
N ALA A 515 9.04 1.52 15.44
CA ALA A 515 9.15 2.90 15.02
C ALA A 515 9.91 3.78 16.03
N PHE A 516 10.72 4.69 15.53
CA PHE A 516 11.50 5.61 16.37
C PHE A 516 11.34 7.03 15.83
N GLN A 517 11.31 8.01 16.73
CA GLN A 517 11.22 9.39 16.27
C GLN A 517 12.55 10.08 16.51
N PHE A 518 13.37 10.25 15.49
CA PHE A 518 14.63 10.95 15.66
C PHE A 518 14.27 12.42 15.80
N GLU A 519 14.36 12.95 17.02
CA GLU A 519 14.01 14.34 17.28
C GLU A 519 14.50 15.35 16.25
N ARG A 520 13.62 16.31 15.95
CA ARG A 520 13.86 17.37 14.99
C ARG A 520 14.10 16.85 13.58
N GLU A 521 13.85 15.57 13.36
CA GLU A 521 14.03 15.01 12.03
C GLU A 521 12.79 14.30 11.48
N GLY A 522 12.37 13.23 12.14
CA GLY A 522 11.18 12.52 11.68
C GLY A 522 11.04 11.16 12.35
N TYR A 523 10.39 10.23 11.67
CA TYR A 523 10.20 8.89 12.20
C TYR A 523 10.99 7.93 11.33
N PHE A 524 11.67 6.99 11.98
CA PHE A 524 12.50 6.01 11.28
C PHE A 524 12.30 4.61 11.84
N CYS A 525 12.80 3.62 11.11
CA CYS A 525 12.70 2.23 11.54
C CYS A 525 13.81 1.46 10.84
N LEU A 526 14.27 0.38 11.45
CA LEU A 526 15.36 -0.41 10.89
C LEU A 526 14.95 -1.15 9.62
N ASP A 527 15.75 -1.05 8.57
CA ASP A 527 15.47 -1.71 7.29
C ASP A 527 16.17 -3.08 7.22
N SER A 528 15.53 -4.08 7.80
CA SER A 528 16.07 -5.45 7.83
C SER A 528 16.82 -5.85 6.57
N ARG A 529 16.24 -5.59 5.40
CA ARG A 529 16.88 -5.96 4.15
C ARG A 529 18.31 -5.47 3.99
N HIS A 530 18.56 -4.22 4.36
CA HIS A 530 19.89 -3.64 4.21
C HIS A 530 20.75 -3.67 5.48
N SER A 531 20.11 -3.59 6.64
CA SER A 531 20.82 -3.61 7.92
C SER A 531 21.76 -4.81 8.06
N THR A 532 22.95 -4.57 8.60
CA THR A 532 23.92 -5.63 8.82
C THR A 532 24.42 -5.53 10.25
N ALA A 533 25.00 -6.64 10.72
CA ALA A 533 25.53 -6.70 12.07
C ALA A 533 26.50 -5.53 12.29
N GLU A 534 27.13 -5.08 11.21
CA GLU A 534 28.07 -3.97 11.30
C GLU A 534 27.39 -2.61 11.14
N LYS A 535 26.67 -2.43 10.04
CA LYS A 535 26.00 -1.16 9.79
C LYS A 535 24.49 -1.25 9.72
N PRO A 536 23.80 -0.85 10.78
CA PRO A 536 22.33 -0.89 10.82
C PRO A 536 21.76 0.21 9.93
N VAL A 537 20.74 -0.12 9.15
CA VAL A 537 20.12 0.85 8.25
C VAL A 537 18.74 1.29 8.73
N PHE A 538 18.50 2.59 8.68
CA PHE A 538 17.22 3.13 9.09
C PHE A 538 16.50 3.82 7.93
N ASN A 539 15.22 3.50 7.77
CA ASN A 539 14.40 4.08 6.72
C ASN A 539 13.64 5.23 7.35
N ARG A 540 13.52 6.35 6.63
CA ARG A 540 12.77 7.45 7.19
C ARG A 540 11.32 7.29 6.73
N THR A 541 10.46 6.89 7.66
CA THR A 541 9.06 6.70 7.34
C THR A 541 8.52 8.01 6.79
N VAL A 542 8.58 9.04 7.61
CA VAL A 542 8.11 10.37 7.20
C VAL A 542 8.83 11.46 8.01
N GLY A 543 9.07 12.59 7.37
CA GLY A 543 9.72 13.67 8.05
C GLY A 543 8.77 14.34 9.00
N LEU A 544 9.32 15.03 9.97
CA LEU A 544 8.53 15.74 10.96
C LEU A 544 7.97 16.97 10.25
N ARG A 545 6.88 17.52 10.77
CA ARG A 545 6.29 18.71 10.16
C ARG A 545 7.36 19.81 10.14
N ASP A 546 7.89 20.11 8.96
CA ASP A 546 8.93 21.12 8.81
C ASP A 546 8.40 22.42 8.23
N THR A 547 8.71 23.52 8.90
CA THR A 547 8.27 24.85 8.45
C THR A 547 8.55 25.85 9.56
N TRP A 548 9.53 26.74 9.35
CA TRP A 548 9.89 27.73 10.37
C TRP A 548 8.67 28.42 10.96
N1 4SU B 8 -20.38 19.28 -1.71
C2 4SU B 8 -20.56 19.08 -0.36
N3 4SU B 8 -20.27 17.82 0.09
C4 4SU B 8 -19.83 16.75 -0.68
C5 4SU B 8 -19.65 17.04 -2.06
C6 4SU B 8 -19.92 18.26 -2.52
O2 4SU B 8 -20.95 19.95 0.40
S4 4SU B 8 -19.63 15.64 -0.14
C1' 4SU B 8 -20.66 20.61 -2.25
C2' 4SU B 8 -19.53 21.60 -1.98
O2' 4SU B 8 -20.00 22.92 -2.00
C3' 4SU B 8 -18.60 21.25 -3.13
C4' 4SU B 8 -19.61 21.25 -4.25
O3' 4SU B 8 -17.66 22.31 -3.29
O4' 4SU B 8 -20.70 20.49 -3.67
C5' 4SU B 8 -19.15 20.61 -5.53
O5' 4SU B 8 -18.80 19.25 -5.31
P 4SU B 8 -17.73 18.51 -6.23
OP1 4SU B 8 -16.58 19.43 -6.41
OP2 4SU B 8 -17.50 17.14 -5.71
P OMG B 17 -35.69 14.49 2.18
OP1 OMG B 17 -36.03 13.94 3.51
OP2 OMG B 17 -36.72 14.51 1.10
O5' OMG B 17 -35.10 15.95 2.32
C5' OMG B 17 -35.74 16.92 3.13
C4' OMG B 17 -35.78 18.25 2.41
O4' OMG B 17 -36.50 18.12 1.16
C3' OMG B 17 -36.56 19.38 3.05
O3' OMG B 17 -35.72 19.95 4.06
C2' OMG B 17 -36.55 20.35 1.89
O2' OMG B 17 -35.25 20.92 1.67
CM2 OMG B 17 -35.34 22.36 1.66
C1' OMG B 17 -36.87 19.41 0.71
N9 OMG B 17 -38.14 19.80 0.10
C8 OMG B 17 -39.28 19.03 -0.03
N7 OMG B 17 -40.23 19.64 -0.69
C5 OMG B 17 -39.69 20.89 -0.99
C6 OMG B 17 -40.24 21.98 -1.72
O6 OMG B 17 -41.31 22.03 -2.33
N1 OMG B 17 -39.36 23.05 -1.76
C2 OMG B 17 -38.11 23.08 -1.20
N2 OMG B 17 -37.44 24.23 -1.32
N3 OMG B 17 -37.59 22.07 -0.54
C4 OMG B 17 -38.42 21.01 -0.48
P H2U B 19 -32.44 23.67 8.17
OP1 H2U B 19 -32.32 23.78 6.69
OP2 H2U B 19 -31.71 22.60 8.89
O5' H2U B 19 -31.92 25.08 8.70
C5' H2U B 19 -31.98 26.23 7.84
C4' H2U B 19 -30.77 27.11 8.07
O4' H2U B 19 -30.80 27.61 9.45
C3' H2U B 19 -29.41 26.45 7.91
O3' H2U B 19 -28.45 27.39 7.44
C1' H2U B 19 -29.60 27.24 10.11
C2' H2U B 19 -29.12 26.01 9.34
O2' H2U B 19 -27.76 25.72 9.60
N1 H2U B 19 -29.87 26.99 11.54
C2 H2U B 19 -29.90 28.13 12.24
O2 H2U B 19 -28.67 28.64 12.51
N3 H2U B 19 -30.20 27.66 13.53
C4 H2U B 19 -31.51 27.47 13.59
O4 H2U B 19 -31.92 27.20 14.85
C5 H2U B 19 -31.81 26.23 12.78
C6 H2U B 19 -31.16 26.50 11.33
N1 OMU B 31 2.28 26.58 24.12
C2 OMU B 31 2.72 25.39 23.55
N3 OMU B 31 3.21 25.51 22.28
C4 OMU B 31 3.31 26.65 21.52
C5 OMU B 31 2.83 27.83 22.17
C6 OMU B 31 2.35 27.76 23.42
O2 OMU B 31 2.61 24.32 24.11
O4 OMU B 31 3.82 26.60 20.40
C1' OMU B 31 1.71 26.53 25.48
C2' OMU B 31 2.79 26.22 26.52
O2' OMU B 31 2.20 25.73 27.70
CM2 OMU B 31 1.56 24.48 27.45
C3' OMU B 31 3.31 27.62 26.76
C4' OMU B 31 1.98 28.31 26.97
O3' OMU B 31 4.03 27.67 27.99
O4' OMU B 31 1.24 27.84 25.80
C5' OMU B 31 2.00 29.81 27.05
O5' OMU B 31 2.70 30.35 25.93
P OMU B 31 2.55 31.89 25.55
OP1 OMU B 31 2.78 32.68 26.78
OP2 OMU B 31 3.35 32.18 24.34
N1 1RN B 33 14.90 22.41 27.37
C2 1RN B 33 15.89 21.43 27.35
S2 1RN B 33 16.06 20.68 26.40
N3 1RN B 33 16.66 21.39 28.49
C4 1RN B 33 16.54 22.19 29.62
O4 1RN B 33 17.32 22.03 30.56
C5 1RN B 33 15.49 23.15 29.56
C6 1RN B 33 14.72 23.23 28.47
C1' 1RN B 33 14.03 22.53 26.20
O2' 1RN B 33 12.43 22.20 27.83
C2' 1RN B 33 12.58 22.13 26.42
O3' 1RN B 33 12.04 22.69 24.02
C3' 1RN B 33 11.88 22.99 25.40
C4' 1RN B 33 12.58 24.31 25.63
O4' 1RN B 33 13.98 23.89 25.79
C5' 1RN B 33 12.16 25.06 26.87
O5' 1RN B 33 10.82 25.47 26.75
P 1RN B 33 9.76 25.12 27.89
OP1 1RN B 33 10.46 24.38 28.97
OP2 1RN B 33 9.00 26.35 28.23
C3 1RN B 33 15.26 24.00 30.64
N2 1RN B 33 14.12 24.73 30.58
C7 1RN B 33 13.89 25.49 31.51
C1 1RN B 33 12.98 25.14 32.38
O2 1RN B 33 12.79 25.90 33.34
O1 1RN B 33 12.45 24.01 32.22
P 2MA B 36 6.35 23.55 14.90
OP1 2MA B 36 5.26 23.55 13.89
OP2 2MA B 36 6.14 24.21 16.21
O5' 2MA B 36 6.81 22.04 15.16
C5' 2MA B 36 6.79 21.08 14.11
C4' 2MA B 36 6.68 19.69 14.69
O4' 2MA B 36 7.75 19.48 15.65
C3' 2MA B 36 5.46 19.38 15.52
O3' 2MA B 36 4.41 19.07 14.61
C2' 2MA B 36 5.94 18.09 16.17
O2' 2MA B 36 5.99 16.98 15.31
C1' 2MA B 36 7.34 18.54 16.63
N9 2MA B 36 7.32 19.25 17.93
C8 2MA B 36 7.47 20.60 18.12
N7 2MA B 36 7.13 21.00 19.33
C5 2MA B 36 6.76 19.83 19.97
C6 2MA B 36 6.29 19.57 21.27
N6 2MA B 36 6.03 20.53 22.17
N1 2MA B 36 6.03 18.29 21.61
C2 2MA B 36 6.22 17.33 20.70
CM2 2MA B 36 5.97 16.03 21.13
N3 2MA B 36 6.65 17.46 19.44
C4 2MA B 36 6.90 18.74 19.13
N1 PSU B 37 3.39 21.57 19.44
C2 PSU B 37 3.06 21.99 20.72
N3 PSU B 37 2.72 21.07 21.69
C4 PSU B 37 2.71 19.72 21.40
C5 PSU B 37 3.03 19.30 20.11
C6 PSU B 37 3.36 20.25 19.15
O2 PSU B 37 3.07 23.19 20.98
O4 PSU B 37 2.42 18.89 22.26
C1' PSU B 37 2.99 17.84 19.83
C2' PSU B 37 1.59 17.23 19.86
O2' PSU B 37 1.64 15.88 20.24
C3' PSU B 37 1.16 17.48 18.43
C4' PSU B 37 2.41 17.03 17.72
O3' PSU B 37 0.10 16.58 18.10
O4' PSU B 37 3.46 17.66 18.50
C5' PSU B 37 2.51 17.46 16.27
O5' PSU B 37 2.47 18.87 16.19
P PSU B 37 2.93 19.63 14.87
OP1 PSU B 37 3.02 21.07 15.19
OP2 PSU B 37 2.05 19.17 13.77
N1 5MU B 53 -40.69 24.71 -8.47
C2 5MU B 53 -40.12 24.05 -7.40
N3 5MU B 53 -39.02 24.65 -6.88
C4 5MU B 53 -38.39 25.81 -7.30
C5 5MU B 53 -39.02 26.46 -8.43
C5M 5MU B 53 -38.45 27.73 -8.99
C6 5MU B 53 -40.12 25.88 -8.95
O2 5MU B 53 -40.58 23.01 -6.91
O4 5MU B 53 -37.38 26.27 -6.76
C1' 5MU B 53 -41.90 24.14 -9.08
C2' 5MU B 53 -43.15 24.48 -8.28
O2' 5MU B 53 -44.18 23.52 -8.45
C3' 5MU B 53 -43.46 25.85 -8.87
C4' 5MU B 53 -43.32 25.53 -10.34
O3' 5MU B 53 -44.79 26.27 -8.58
O4' 5MU B 53 -42.08 24.77 -10.36
C5' 5MU B 53 -43.24 26.74 -11.23
O5' 5MU B 53 -42.19 27.59 -10.79
P 5MU B 53 -41.91 28.97 -11.51
OP1 5MU B 53 -43.22 29.52 -11.94
OP2 5MU B 53 -41.00 29.80 -10.66
N1 PSU B 54 -40.60 27.96 -5.82
C2 PSU B 54 -39.46 28.26 -5.12
N3 PSU B 54 -39.16 27.56 -3.97
C4 PSU B 54 -40.01 26.56 -3.52
C5 PSU B 54 -41.17 26.26 -4.23
C6 PSU B 54 -41.44 26.98 -5.39
O2 PSU B 54 -38.70 29.15 -5.53
O4 PSU B 54 -39.73 25.95 -2.49
C1' PSU B 54 -42.07 25.23 -3.75
C2' PSU B 54 -42.95 25.70 -2.59
O2' PSU B 54 -43.41 24.60 -1.82
C3' PSU B 54 -44.03 26.42 -3.36
C4' PSU B 54 -44.34 25.34 -4.39
O3' PSU B 54 -45.17 26.66 -2.55
O4' PSU B 54 -42.99 24.95 -4.81
C5' PSU B 54 -45.15 25.81 -5.56
O5' PSU B 54 -44.52 26.94 -6.17
P PSU B 54 -45.03 27.50 -7.57
OP1 PSU B 54 -44.11 28.61 -7.97
OP2 PSU B 54 -46.49 27.75 -7.47
PG ATP C . -5.54 -2.89 -10.24
O1G ATP C . -6.81 -2.34 -10.78
O2G ATP C . -4.81 -1.98 -9.33
O3G ATP C . -4.69 -3.55 -11.25
PB ATP C . -7.01 -5.21 -9.85
O1B ATP C . -6.18 -6.37 -10.23
O2B ATP C . -7.88 -4.58 -10.87
O3B ATP C . -6.03 -4.07 -9.27
PA ATP C . -7.97 -7.12 -8.06
O1A ATP C . -8.57 -7.98 -9.09
O2A ATP C . -6.62 -7.46 -7.54
O3A ATP C . -7.94 -5.60 -8.60
O5' ATP C . -9.00 -7.02 -6.83
C5' ATP C . -8.94 -5.87 -5.97
C4' ATP C . -10.24 -5.71 -5.21
O4' ATP C . -10.17 -4.41 -4.62
C3' ATP C . -11.40 -5.60 -6.17
O3' ATP C . -12.64 -5.45 -5.46
C2' ATP C . -11.04 -4.29 -6.85
O2' ATP C . -12.24 -3.72 -7.39
C1' ATP C . -10.61 -3.49 -5.63
N9 ATP C . -9.62 -2.44 -5.97
C8 ATP C . -8.65 -2.51 -6.88
N7 ATP C . -8.03 -1.33 -6.89
C5 ATP C . -8.62 -0.54 -5.99
C6 ATP C . -8.40 0.73 -5.65
N6 ATP C . -7.42 1.37 -6.29
N1 ATP C . -9.13 1.34 -4.71
C2 ATP C . -10.13 0.62 -4.06
N3 ATP C . -10.34 -0.70 -4.44
C4 ATP C . -9.58 -1.24 -5.40
S SO4 D . -2.90 4.56 -12.76
O1 SO4 D . -4.16 3.93 -12.30
O2 SO4 D . -2.05 4.88 -11.60
O3 SO4 D . -2.19 3.64 -13.66
O4 SO4 D . -3.22 5.80 -13.50
S SO4 E . 4.44 6.23 -0.53
O1 SO4 E . 3.43 5.98 -1.58
O2 SO4 E . 4.97 4.94 -0.03
O3 SO4 E . 5.55 7.03 -1.10
O4 SO4 E . 3.83 6.98 0.58
#